data_4DRY
#
_entry.id   4DRY
#
_cell.length_a   86.531
_cell.length_b   98.128
_cell.length_c   117.220
_cell.angle_alpha   90.00
_cell.angle_beta   90.00
_cell.angle_gamma   90.00
#
_symmetry.space_group_name_H-M   'P 21 21 21'
#
loop_
_entity.id
_entity.type
_entity.pdbx_description
1 polymer '3-oxoacyl-[acyl-carrier-protein] reductase'
2 non-polymer 'SULFATE ION'
3 water water
#
_entity_poly.entity_id   1
_entity_poly.type   'polypeptide(L)'
_entity_poly.pdbx_seq_one_letter_code
;(MSE)HHHHHHSSGVDLGTENLYFQS(MSE)(MSE)AQGKGSGEGRIALVTGGGTGVGRGIAQALSAEGYSVVITGRRPD
VLDAAAGEIGGRTGNIVRAVVCDVGDPDQVAALFAAVRAEFARLDLLVNNAGSNVPPVPLEEVTFEQWNGIVAANLTGAF
LCTQHAFR(MSE)(MSE)KAQTPRGGRIINNGSISAQTPRPNSAPYTATKHAITGLTKSTALDGR(MSE)HDIACGQIDI
GNAATD(MSE)TAR(MSE)STGVLQANGEVAAEPTIPIEHIAEAVVY(MSE)ASLPLSANVLT(MSE)TV(MSE)ATR
(MSE)PLVGRG
;
_entity_poly.pdbx_strand_id   A,B,C,D
#
loop_
_chem_comp.id
_chem_comp.type
_chem_comp.name
_chem_comp.formula
SO4 non-polymer 'SULFATE ION' 'O4 S -2'
#
# COMPACT_ATOMS: atom_id res chain seq x y z
N ARG A 34 10.77 -15.79 29.73
CA ARG A 34 10.95 -15.08 28.45
C ARG A 34 11.60 -13.72 28.67
N ILE A 35 12.56 -13.39 27.82
CA ILE A 35 13.34 -12.18 27.99
C ILE A 35 13.00 -11.11 26.97
N ALA A 36 12.56 -9.94 27.44
CA ALA A 36 12.14 -8.87 26.55
C ALA A 36 12.97 -7.61 26.73
N LEU A 37 13.18 -6.91 25.63
CA LEU A 37 13.92 -5.67 25.64
C LEU A 37 13.11 -4.56 24.94
N VAL A 38 12.86 -3.47 25.66
CA VAL A 38 12.11 -2.33 25.13
C VAL A 38 13.01 -1.09 25.06
N THR A 39 13.31 -0.62 23.86
CA THR A 39 14.06 0.64 23.73
C THR A 39 13.14 1.82 24.00
N GLY A 40 13.65 2.83 24.71
CA GLY A 40 12.83 3.97 25.09
C GLY A 40 11.70 3.54 26.00
N GLY A 41 11.98 2.57 26.86
CA GLY A 41 10.97 2.05 27.77
C GLY A 41 10.80 2.86 29.05
N GLY A 42 11.55 3.95 29.17
CA GLY A 42 11.53 4.76 30.38
C GLY A 42 10.32 5.67 30.51
N THR A 43 9.82 6.15 29.37
CA THR A 43 8.74 7.12 29.33
C THR A 43 7.69 6.71 28.32
N GLY A 44 6.53 7.36 28.38
CA GLY A 44 5.54 7.30 27.31
C GLY A 44 5.11 5.90 26.89
N VAL A 45 4.95 5.71 25.60
CA VAL A 45 4.42 4.44 25.09
C VAL A 45 5.30 3.27 25.47
N GLY A 46 6.62 3.45 25.33
CA GLY A 46 7.57 2.40 25.64
C GLY A 46 7.43 1.92 27.06
N ARG A 47 7.26 2.85 27.98
CA ARG A 47 7.12 2.51 29.38
C ARG A 47 5.84 1.74 29.64
N GLY A 48 4.78 2.08 28.92
CA GLY A 48 3.54 1.34 29.03
C GLY A 48 3.72 -0.10 28.57
N ILE A 49 4.43 -0.27 27.47
CA ILE A 49 4.70 -1.58 26.91
C ILE A 49 5.50 -2.43 27.88
N ALA A 50 6.55 -1.83 28.44
CA ALA A 50 7.40 -2.46 29.44
C ALA A 50 6.58 -2.91 30.64
N GLN A 51 5.73 -2.02 31.14
CA GLN A 51 4.86 -2.33 32.26
C GLN A 51 3.98 -3.53 31.94
N ALA A 52 3.37 -3.52 30.76
CA ALA A 52 2.45 -4.58 30.38
C ALA A 52 3.18 -5.90 30.19
N LEU A 53 4.37 -5.84 29.60
CA LEU A 53 5.20 -7.03 29.41
C LEU A 53 5.67 -7.57 30.75
N SER A 54 6.12 -6.67 31.62
CA SER A 54 6.55 -7.08 32.94
C SER A 54 5.41 -7.79 33.68
N ALA A 55 4.18 -7.33 33.48
CA ALA A 55 3.01 -7.96 34.10
C ALA A 55 2.69 -9.35 33.54
N GLU A 56 3.09 -9.60 32.29
CA GLU A 56 2.84 -10.90 31.68
C GLU A 56 3.87 -11.93 32.10
N GLY A 57 4.87 -11.50 32.86
CA GLY A 57 5.89 -12.40 33.39
C GLY A 57 7.22 -12.35 32.66
N TYR A 58 7.36 -11.45 31.69
CA TYR A 58 8.65 -11.23 31.05
C TYR A 58 9.64 -10.61 32.02
N SER A 59 10.90 -10.99 31.91
CA SER A 59 11.97 -10.18 32.48
C SER A 59 12.23 -9.11 31.43
N VAL A 60 12.36 -7.86 31.87
CA VAL A 60 12.37 -6.76 30.92
C VAL A 60 13.61 -5.89 31.07
N VAL A 61 14.16 -5.48 29.94
CA VAL A 61 15.21 -4.49 29.93
C VAL A 61 14.69 -3.27 29.22
N ILE A 62 14.83 -2.11 29.84
CA ILE A 62 14.43 -0.87 29.18
C ILE A 62 15.66 0.01 28.93
N THR A 63 15.59 0.85 27.90
CA THR A 63 16.71 1.72 27.56
C THR A 63 16.26 3.17 27.48
N GLY A 64 17.21 4.07 27.66
CA GLY A 64 16.96 5.51 27.63
C GLY A 64 18.25 6.24 27.94
N ARG A 65 18.27 7.55 27.70
CA ARG A 65 19.48 8.35 27.89
C ARG A 65 19.51 9.05 29.25
N ARG A 66 18.38 9.05 29.94
CA ARG A 66 18.28 9.70 31.23
C ARG A 66 18.24 8.67 32.36
N PRO A 67 19.37 8.47 33.04
CA PRO A 67 19.54 7.45 34.09
C PRO A 67 18.53 7.61 35.22
N ASP A 68 18.31 8.85 35.66
CA ASP A 68 17.37 9.12 36.73
C ASP A 68 15.96 8.65 36.40
N VAL A 69 15.43 9.08 35.25
CA VAL A 69 14.10 8.64 34.82
C VAL A 69 14.04 7.12 34.63
N LEU A 70 15.02 6.58 33.91
CA LEU A 70 15.10 5.16 33.60
C LEU A 70 15.11 4.31 34.88
N ASP A 71 15.98 4.68 35.82
CA ASP A 71 16.08 3.93 37.08
C ASP A 71 14.75 3.91 37.80
N ALA A 72 14.08 5.06 37.84
CA ALA A 72 12.82 5.21 38.55
C ALA A 72 11.69 4.41 37.89
N ALA A 73 11.62 4.46 36.56
CA ALA A 73 10.60 3.70 35.86
C ALA A 73 10.78 2.20 36.09
N ALA A 74 12.03 1.73 36.09
CA ALA A 74 12.28 0.32 36.33
C ALA A 74 11.83 -0.10 37.74
N GLY A 75 12.08 0.76 38.73
CA GLY A 75 11.68 0.50 40.09
C GLY A 75 10.17 0.46 40.24
N GLU A 76 9.49 1.46 39.70
CA GLU A 76 8.04 1.50 39.74
C GLU A 76 7.46 0.20 39.18
N ILE A 77 7.80 -0.11 37.93
CA ILE A 77 7.29 -1.33 37.29
C ILE A 77 7.62 -2.59 38.10
N GLY A 78 8.87 -2.74 38.49
CA GLY A 78 9.32 -3.93 39.20
C GLY A 78 8.57 -4.13 40.51
N GLY A 79 8.40 -3.04 41.24
CA GLY A 79 7.62 -3.08 42.47
C GLY A 79 6.17 -3.44 42.24
N ARG A 80 5.65 -3.19 41.04
CA ARG A 80 4.25 -3.46 40.77
C ARG A 80 4.03 -4.93 40.45
N THR A 81 5.01 -5.55 39.79
CA THR A 81 4.83 -6.87 39.21
C THR A 81 5.63 -7.98 39.90
N GLY A 82 6.68 -7.60 40.63
CA GLY A 82 7.55 -8.57 41.26
C GLY A 82 8.52 -9.24 40.30
N ASN A 83 8.64 -8.68 39.09
CA ASN A 83 9.50 -9.27 38.07
C ASN A 83 10.72 -8.40 37.78
N ILE A 84 11.75 -9.00 37.21
CA ILE A 84 12.99 -8.30 36.93
C ILE A 84 12.83 -7.24 35.83
N VAL A 85 13.15 -6.00 36.14
CA VAL A 85 13.23 -4.93 35.15
C VAL A 85 14.59 -4.26 35.24
N ARG A 86 15.39 -4.34 34.18
CA ARG A 86 16.70 -3.70 34.19
C ARG A 86 16.69 -2.39 33.40
N ALA A 87 17.46 -1.42 33.88
CA ALA A 87 17.64 -0.17 33.16
C ALA A 87 19.07 0.00 32.65
N VAL A 88 19.21 0.04 31.33
CA VAL A 88 20.49 0.32 30.72
C VAL A 88 20.44 1.70 30.06
N VAL A 89 21.33 2.59 30.48
CA VAL A 89 21.42 3.89 29.84
C VAL A 89 22.10 3.70 28.51
N CYS A 90 21.45 4.13 27.44
CA CYS A 90 21.90 3.76 26.11
C CYS A 90 21.19 4.57 25.02
N ASP A 91 22.00 5.19 24.16
CA ASP A 91 21.53 5.85 22.95
C ASP A 91 21.55 4.85 21.80
N VAL A 92 20.39 4.51 21.26
CA VAL A 92 20.33 3.46 20.24
C VAL A 92 20.97 3.84 18.91
N GLY A 93 21.16 5.14 18.67
CA GLY A 93 21.83 5.60 17.47
C GLY A 93 23.34 5.41 17.50
N ASP A 94 23.84 4.92 18.63
CA ASP A 94 25.27 4.72 18.84
C ASP A 94 25.60 3.22 18.77
N PRO A 95 26.38 2.81 17.77
CA PRO A 95 26.60 1.36 17.56
C PRO A 95 27.37 0.72 18.70
N ASP A 96 28.25 1.47 19.35
CA ASP A 96 29.00 0.93 20.48
C ASP A 96 28.07 0.73 21.68
N GLN A 97 27.23 1.72 21.96
CA GLN A 97 26.29 1.59 23.08
C GLN A 97 25.31 0.47 22.80
N VAL A 98 24.88 0.35 21.55
CA VAL A 98 23.95 -0.72 21.19
C VAL A 98 24.61 -2.09 21.40
N ALA A 99 25.84 -2.24 20.93
CA ALA A 99 26.59 -3.49 21.15
C ALA A 99 26.75 -3.77 22.63
N ALA A 100 27.13 -2.75 23.39
CA ALA A 100 27.36 -2.94 24.82
C ALA A 100 26.06 -3.35 25.54
N LEU A 101 24.94 -2.76 25.11
CA LEU A 101 23.62 -3.10 25.64
C LEU A 101 23.24 -4.57 25.46
N PHE A 102 23.38 -5.05 24.24
CA PHE A 102 23.02 -6.44 23.93
C PHE A 102 24.00 -7.42 24.60
N ALA A 103 25.25 -7.00 24.74
CA ALA A 103 26.23 -7.80 25.49
C ALA A 103 25.83 -7.91 26.97
N ALA A 104 25.28 -6.84 27.54
CA ALA A 104 24.81 -6.92 28.92
C ALA A 104 23.59 -7.86 29.05
N VAL A 105 22.68 -7.81 28.07
CA VAL A 105 21.54 -8.72 28.03
C VAL A 105 22.02 -10.17 27.93
N ARG A 106 22.85 -10.45 26.94
CA ARG A 106 23.41 -11.79 26.82
C ARG A 106 24.13 -12.20 28.10
N ALA A 107 24.79 -11.25 28.75
CA ALA A 107 25.59 -11.55 29.95
C ALA A 107 24.73 -12.03 31.13
N GLU A 108 23.61 -11.37 31.35
CA GLU A 108 22.71 -11.77 32.43
C GLU A 108 21.72 -12.87 32.06
N PHE A 109 21.10 -12.77 30.90
CA PHE A 109 19.98 -13.63 30.56
C PHE A 109 20.32 -14.73 29.55
N ALA A 110 21.50 -14.65 28.96
CA ALA A 110 21.93 -15.66 28.00
C ALA A 110 21.05 -15.69 26.74
N ARG A 111 19.92 -14.98 26.75
CA ARG A 111 19.07 -14.98 25.56
C ARG A 111 18.15 -13.78 25.47
N LEU A 112 17.61 -13.55 24.27
CA LEU A 112 16.59 -12.54 24.05
C LEU A 112 15.43 -13.11 23.23
N ASP A 113 14.23 -13.08 23.79
CA ASP A 113 13.04 -13.62 23.13
C ASP A 113 12.24 -12.58 22.38
N LEU A 114 12.27 -11.35 22.87
CA LEU A 114 11.46 -10.26 22.30
C LEU A 114 12.20 -8.93 22.29
N LEU A 115 12.30 -8.32 21.12
CA LEU A 115 12.78 -6.94 21.02
C LEU A 115 11.63 -6.03 20.59
N VAL A 116 11.38 -4.99 21.38
CA VAL A 116 10.44 -3.96 20.95
C VAL A 116 11.21 -2.70 20.61
N ASN A 117 11.35 -2.42 19.32
CA ASN A 117 12.00 -1.19 18.89
C ASN A 117 11.02 -0.05 19.04
N ASN A 118 11.07 0.62 20.17
CA ASN A 118 10.10 1.66 20.46
C ASN A 118 10.72 3.05 20.45
N ALA A 119 12.04 3.11 20.65
CA ALA A 119 12.72 4.38 20.73
C ALA A 119 12.48 5.20 19.47
N GLY A 120 12.36 6.51 19.62
CA GLY A 120 12.13 7.35 18.47
C GLY A 120 11.74 8.75 18.90
N SER A 121 11.72 9.67 17.93
CA SER A 121 11.47 11.07 18.24
C SER A 121 10.82 11.78 17.08
N ASN A 122 10.35 12.99 17.32
CA ASN A 122 9.84 13.82 16.25
C ASN A 122 10.64 15.11 16.08
N VAL A 123 10.28 15.86 15.05
CA VAL A 123 10.98 17.07 14.69
C VAL A 123 9.90 18.13 14.59
N PRO A 124 10.14 19.32 15.18
CA PRO A 124 9.12 20.36 15.17
C PRO A 124 8.53 20.58 13.77
N PRO A 125 7.22 20.86 13.68
CA PRO A 125 6.52 21.12 12.43
C PRO A 125 6.99 22.42 11.77
N VAL A 126 8.30 22.53 11.63
CA VAL A 126 8.89 23.66 10.92
C VAL A 126 8.78 23.37 9.42
N PRO A 127 8.77 24.41 8.58
CA PRO A 127 8.71 24.18 7.12
C PRO A 127 9.92 23.38 6.65
N LEU A 128 9.71 22.63 5.58
CA LEU A 128 10.64 21.59 5.14
C LEU A 128 12.06 22.10 4.95
N GLU A 129 12.20 23.26 4.30
CA GLU A 129 13.52 23.79 4.02
C GLU A 129 14.19 24.37 5.26
N GLU A 130 13.44 24.55 6.35
CA GLU A 130 14.00 25.11 7.57
C GLU A 130 14.54 24.08 8.57
N VAL A 131 14.17 22.81 8.38
CA VAL A 131 14.69 21.74 9.21
C VAL A 131 16.21 21.80 9.21
N THR A 132 16.82 21.72 10.40
CA THR A 132 18.28 21.81 10.51
C THR A 132 18.95 20.46 10.27
N PHE A 133 20.22 20.48 9.91
CA PHE A 133 20.95 19.25 9.61
C PHE A 133 21.05 18.37 10.88
N GLU A 134 21.27 19.00 12.03
CA GLU A 134 21.24 18.31 13.32
C GLU A 134 19.88 17.64 13.60
N GLN A 135 18.81 18.35 13.31
CA GLN A 135 17.47 17.81 13.52
C GLN A 135 17.28 16.59 12.64
N TRP A 136 17.72 16.71 11.39
CA TRP A 136 17.66 15.60 10.45
C TRP A 136 18.44 14.39 10.94
N ASN A 137 19.71 14.61 11.25
CA ASN A 137 20.58 13.52 11.70
C ASN A 137 20.08 12.85 12.95
N GLY A 138 19.54 13.66 13.86
CA GLY A 138 18.98 13.17 15.11
C GLY A 138 17.74 12.32 14.95
N ILE A 139 16.83 12.71 14.06
CA ILE A 139 15.65 11.89 13.87
C ILE A 139 15.98 10.60 13.10
N VAL A 140 16.89 10.69 12.13
CA VAL A 140 17.36 9.50 11.43
C VAL A 140 17.95 8.49 12.41
N ALA A 141 18.85 8.94 13.28
CA ALA A 141 19.46 8.08 14.28
C ALA A 141 18.42 7.47 15.23
N ALA A 142 17.51 8.31 15.71
CA ALA A 142 16.49 7.89 16.67
C ALA A 142 15.50 6.92 16.06
N ASN A 143 14.97 7.25 14.89
CA ASN A 143 13.86 6.49 14.32
C ASN A 143 14.21 5.32 13.40
N LEU A 144 15.38 5.35 12.77
CA LEU A 144 15.70 4.34 11.79
C LEU A 144 16.94 3.55 12.18
N THR A 145 18.03 4.26 12.43
CA THR A 145 19.30 3.65 12.75
C THR A 145 19.27 2.83 14.04
N GLY A 146 18.61 3.35 15.07
CA GLY A 146 18.47 2.65 16.33
C GLY A 146 17.77 1.32 16.14
N ALA A 147 16.64 1.36 15.44
CA ALA A 147 15.88 0.16 15.13
C ALA A 147 16.72 -0.81 14.32
N PHE A 148 17.43 -0.33 13.30
CA PHE A 148 18.27 -1.24 12.53
C PHE A 148 19.36 -1.86 13.38
N LEU A 149 20.03 -1.04 14.20
CA LEU A 149 21.14 -1.54 15.00
C LEU A 149 20.68 -2.59 16.04
N CYS A 150 19.58 -2.31 16.73
CA CYS A 150 19.05 -3.27 17.69
C CYS A 150 18.64 -4.55 16.97
N THR A 151 18.07 -4.38 15.77
CA THR A 151 17.65 -5.52 14.97
C THR A 151 18.83 -6.43 14.64
N GLN A 152 19.96 -5.82 14.31
CA GLN A 152 21.15 -6.57 13.96
C GLN A 152 21.55 -7.49 15.12
N HIS A 153 21.69 -6.89 16.30
CA HIS A 153 22.13 -7.63 17.47
C HIS A 153 21.12 -8.68 17.91
N ALA A 154 19.83 -8.36 17.79
CA ALA A 154 18.78 -9.32 18.07
C ALA A 154 18.96 -10.55 17.17
N PHE A 155 19.19 -10.30 15.89
CA PHE A 155 19.40 -11.39 14.93
C PHE A 155 20.57 -12.25 15.33
N ARG A 156 21.67 -11.61 15.71
CA ARG A 156 22.85 -12.35 16.09
C ARG A 156 22.55 -13.25 17.30
N MSE A 157 21.97 -12.68 18.35
CA MSE A 157 21.62 -13.48 19.50
C MSE A 157 20.63 -14.60 19.17
O MSE A 157 20.84 -15.75 19.52
CB MSE A 157 21.05 -12.60 20.62
CG MSE A 157 22.06 -11.67 21.27
SE MSE A 157 21.42 -10.90 22.97
CE MSE A 157 21.04 -12.57 23.91
N MSE A 158 19.54 -14.23 18.49
CA MSE A 158 18.44 -15.16 18.27
C MSE A 158 18.85 -16.32 17.34
O MSE A 158 18.25 -17.39 17.39
CB MSE A 158 17.23 -14.42 17.68
CG MSE A 158 16.44 -13.59 18.70
SE MSE A 158 15.14 -12.38 17.87
CE MSE A 158 14.62 -11.34 19.46
N LYS A 159 19.87 -16.10 16.53
CA LYS A 159 20.34 -17.15 15.64
C LYS A 159 21.28 -18.08 16.37
N ALA A 160 21.88 -17.58 17.45
CA ALA A 160 22.86 -18.34 18.21
C ALA A 160 22.23 -19.13 19.37
N GLN A 161 21.28 -18.52 20.08
CA GLN A 161 20.68 -19.14 21.27
C GLN A 161 19.98 -20.47 20.95
N THR A 162 19.73 -21.26 21.98
CA THR A 162 18.95 -22.49 21.84
C THR A 162 17.97 -22.54 23.00
N PRO A 163 16.66 -22.69 22.70
CA PRO A 163 16.01 -22.71 21.39
C PRO A 163 16.25 -21.41 20.61
N ARG A 164 16.58 -21.52 19.33
CA ARG A 164 16.84 -20.32 18.54
C ARG A 164 15.57 -19.51 18.28
N GLY A 165 15.75 -18.31 17.74
CA GLY A 165 14.63 -17.54 17.28
C GLY A 165 14.08 -16.61 18.34
N GLY A 166 13.14 -15.76 17.92
CA GLY A 166 12.57 -14.76 18.80
C GLY A 166 11.74 -13.81 17.97
N ARG A 167 11.22 -12.77 18.59
CA ARG A 167 10.32 -11.87 17.88
C ARG A 167 10.72 -10.40 18.02
N ILE A 168 10.57 -9.68 16.93
CA ILE A 168 10.91 -8.27 16.87
C ILE A 168 9.68 -7.49 16.51
N ILE A 169 9.31 -6.56 17.38
CA ILE A 169 8.15 -5.73 17.13
C ILE A 169 8.62 -4.30 16.92
N ASN A 170 8.29 -3.75 15.76
CA ASN A 170 8.68 -2.40 15.40
C ASN A 170 7.58 -1.35 15.63
N ASN A 171 7.84 -0.39 16.50
CA ASN A 171 6.95 0.75 16.63
C ASN A 171 7.07 1.70 15.43
N GLY A 172 6.12 1.62 14.51
CA GLY A 172 6.05 2.53 13.39
C GLY A 172 5.18 3.73 13.72
N SER A 173 4.30 4.10 12.80
CA SER A 173 3.44 5.26 13.01
C SER A 173 2.41 5.39 11.89
N ILE A 174 1.33 6.10 12.16
CA ILE A 174 0.40 6.47 11.13
C ILE A 174 1.15 7.21 10.01
N SER A 175 2.26 7.83 10.37
CA SER A 175 3.02 8.57 9.37
C SER A 175 3.71 7.64 8.35
N ALA A 176 3.50 6.34 8.50
CA ALA A 176 4.04 5.37 7.56
C ALA A 176 3.03 5.19 6.46
N GLN A 177 1.84 5.72 6.69
CA GLN A 177 0.78 5.71 5.72
C GLN A 177 0.58 7.11 5.14
N THR A 178 0.29 8.07 6.01
CA THR A 178 -0.15 9.39 5.54
C THR A 178 0.30 10.53 6.44
N PRO A 179 1.01 11.49 5.83
CA PRO A 179 1.73 12.60 6.47
C PRO A 179 0.85 13.73 7.01
N ARG A 180 1.32 14.37 8.06
CA ARG A 180 0.92 15.71 8.39
C ARG A 180 1.81 16.65 7.58
N PRO A 181 1.36 17.90 7.37
CA PRO A 181 2.20 18.93 6.77
C PRO A 181 3.44 19.21 7.64
N ASN A 182 4.54 19.63 7.02
CA ASN A 182 5.77 19.89 7.74
C ASN A 182 6.33 18.71 8.56
N SER A 183 6.29 17.52 7.98
CA SER A 183 6.81 16.34 8.66
C SER A 183 7.62 15.38 7.77
N ALA A 184 8.35 15.92 6.80
CA ALA A 184 9.14 15.06 5.91
C ALA A 184 10.06 14.12 6.66
N PRO A 185 10.85 14.65 7.61
CA PRO A 185 11.82 13.76 8.27
C PRO A 185 11.13 12.63 9.05
N TYR A 186 10.14 12.99 9.86
CA TYR A 186 9.35 12.01 10.57
C TYR A 186 8.62 11.06 9.60
N THR A 187 8.04 11.60 8.55
CA THR A 187 7.31 10.76 7.61
C THR A 187 8.21 9.79 6.87
N ALA A 188 9.42 10.24 6.53
CA ALA A 188 10.39 9.39 5.83
C ALA A 188 10.89 8.26 6.74
N THR A 189 11.36 8.62 7.93
CA THR A 189 11.91 7.62 8.83
C THR A 189 10.88 6.56 9.24
N LYS A 190 9.63 6.95 9.41
CA LYS A 190 8.59 5.99 9.75
C LYS A 190 8.21 5.10 8.57
N HIS A 191 8.23 5.66 7.37
CA HIS A 191 8.06 4.85 6.17
C HIS A 191 9.24 3.85 6.10
N ALA A 192 10.42 4.30 6.50
CA ALA A 192 11.60 3.45 6.46
C ALA A 192 11.38 2.25 7.35
N ILE A 193 10.70 2.47 8.48
CA ILE A 193 10.43 1.38 9.41
C ILE A 193 9.60 0.28 8.74
N THR A 194 8.68 0.67 7.84
CA THR A 194 7.93 -0.32 7.09
C THR A 194 8.86 -1.18 6.24
N GLY A 195 9.82 -0.54 5.56
CA GLY A 195 10.82 -1.27 4.80
C GLY A 195 11.60 -2.22 5.69
N LEU A 196 12.14 -1.70 6.80
CA LEU A 196 12.90 -2.51 7.72
C LEU A 196 12.11 -3.75 8.17
N THR A 197 10.84 -3.54 8.50
CA THR A 197 9.99 -4.62 9.00
C THR A 197 9.89 -5.74 7.97
N LYS A 198 9.52 -5.39 6.75
CA LYS A 198 9.43 -6.35 5.64
C LYS A 198 10.70 -7.18 5.47
N SER A 199 11.84 -6.49 5.39
CA SER A 199 13.10 -7.17 5.20
C SER A 199 13.44 -8.10 6.36
N THR A 200 13.13 -7.67 7.58
CA THR A 200 13.40 -8.45 8.77
C THR A 200 12.54 -9.70 8.79
N ALA A 201 11.24 -9.51 8.56
CA ALA A 201 10.32 -10.64 8.40
C ALA A 201 10.84 -11.60 7.35
N LEU A 202 11.32 -11.08 6.22
CA LEU A 202 11.80 -11.96 5.16
C LEU A 202 13.09 -12.69 5.57
N ASP A 203 14.13 -11.95 5.92
CA ASP A 203 15.44 -12.55 6.27
C ASP A 203 15.34 -13.47 7.49
N GLY A 204 14.31 -13.24 8.33
CA GLY A 204 14.21 -13.95 9.59
C GLY A 204 13.48 -15.28 9.48
N ARG A 205 12.72 -15.42 8.40
CA ARG A 205 11.82 -16.54 8.20
C ARG A 205 12.40 -17.92 8.55
N MSE A 206 13.55 -18.25 7.97
CA MSE A 206 14.13 -19.57 8.17
C MSE A 206 14.88 -19.76 9.51
O MSE A 206 15.31 -20.87 9.83
CB MSE A 206 15.04 -19.94 7.00
CG MSE A 206 14.30 -20.21 5.70
SE MSE A 206 12.84 -21.51 5.89
CE MSE A 206 11.28 -20.31 5.88
N HIS A 207 15.01 -18.68 10.29
CA HIS A 207 15.70 -18.76 11.59
C HIS A 207 14.74 -18.65 12.77
N ASP A 208 13.47 -18.95 12.52
CA ASP A 208 12.46 -18.85 13.57
C ASP A 208 12.45 -17.47 14.19
N ILE A 209 12.68 -16.47 13.34
CA ILE A 209 12.56 -15.08 13.76
C ILE A 209 11.37 -14.40 13.07
N ALA A 210 10.48 -13.89 13.90
CA ALA A 210 9.29 -13.19 13.42
C ALA A 210 9.42 -11.68 13.67
N CYS A 211 8.89 -10.88 12.75
CA CYS A 211 8.98 -9.43 12.86
C CYS A 211 7.69 -8.79 12.34
N GLY A 212 7.13 -7.89 13.14
CA GLY A 212 5.89 -7.24 12.78
C GLY A 212 5.96 -5.79 13.22
N GLN A 213 5.02 -5.00 12.75
CA GLN A 213 5.06 -3.57 13.01
C GLN A 213 3.74 -3.11 13.57
N ILE A 214 3.78 -2.15 14.47
CA ILE A 214 2.56 -1.52 14.95
C ILE A 214 2.59 -0.01 14.62
N ASP A 215 1.58 0.44 13.89
CA ASP A 215 1.43 1.85 13.56
C ASP A 215 0.40 2.47 14.50
N ILE A 216 0.87 3.37 15.36
CA ILE A 216 -0.01 4.01 16.34
C ILE A 216 -0.52 5.36 15.85
N GLY A 217 -1.79 5.62 16.09
CA GLY A 217 -2.37 6.92 15.77
C GLY A 217 -2.80 7.65 17.04
N ASN A 218 -2.15 8.76 17.32
CA ASN A 218 -2.47 9.61 18.46
C ASN A 218 -2.51 8.93 19.83
N ALA A 219 -1.41 8.30 20.20
CA ALA A 219 -1.23 7.88 21.58
C ALA A 219 -1.19 9.11 22.49
N ALA A 220 -1.90 9.05 23.61
CA ALA A 220 -1.81 10.08 24.63
C ALA A 220 -0.51 9.87 25.39
N THR A 221 0.32 10.90 25.52
CA THR A 221 1.58 10.75 26.24
C THR A 221 1.87 11.90 27.20
N THR A 229 -1.39 20.93 22.66
CA THR A 229 -2.68 20.26 22.46
C THR A 229 -3.07 20.08 20.99
N GLY A 230 -2.86 21.12 20.18
CA GLY A 230 -3.27 21.08 18.78
C GLY A 230 -2.18 20.66 17.83
N VAL A 231 -2.53 19.90 16.81
CA VAL A 231 -1.56 19.49 15.78
C VAL A 231 -2.01 19.94 14.38
N LEU A 232 -1.08 19.90 13.44
CA LEU A 232 -1.31 20.42 12.09
C LEU A 232 -2.25 19.56 11.27
N GLN A 233 -3.28 20.19 10.70
CA GLN A 233 -4.20 19.50 9.78
C GLN A 233 -3.70 19.62 8.35
N ALA A 234 -4.33 18.86 7.45
CA ALA A 234 -3.93 18.87 6.05
C ALA A 234 -3.94 20.28 5.46
N ASN A 235 -4.82 21.15 5.96
CA ASN A 235 -4.91 22.51 5.43
C ASN A 235 -3.94 23.52 6.07
N GLY A 236 -3.12 23.06 7.01
CA GLY A 236 -2.17 23.95 7.65
C GLY A 236 -2.70 24.60 8.91
N GLU A 237 -3.99 24.40 9.18
CA GLU A 237 -4.62 24.88 10.40
C GLU A 237 -4.19 24.05 11.62
N VAL A 238 -4.18 24.67 12.80
CA VAL A 238 -3.86 23.92 14.01
C VAL A 238 -5.15 23.55 14.73
N ALA A 239 -5.27 22.27 15.07
CA ALA A 239 -6.47 21.75 15.71
C ALA A 239 -6.12 20.52 16.54
N ALA A 240 -6.90 20.27 17.59
CA ALA A 240 -6.64 19.15 18.48
C ALA A 240 -7.39 17.90 18.01
N GLU A 241 -6.89 16.74 18.40
CA GLU A 241 -7.39 15.49 17.85
C GLU A 241 -7.64 14.47 18.94
N PRO A 242 -8.57 13.54 18.71
CA PRO A 242 -8.79 12.45 19.66
C PRO A 242 -7.52 11.64 19.83
N THR A 243 -7.31 11.10 21.02
CA THR A 243 -6.15 10.24 21.26
C THR A 243 -6.64 8.90 21.81
N ILE A 244 -5.70 7.99 22.05
CA ILE A 244 -6.00 6.71 22.72
C ILE A 244 -5.04 6.49 23.85
N PRO A 245 -5.54 5.98 24.98
CA PRO A 245 -4.72 5.58 26.12
C PRO A 245 -3.58 4.64 25.72
N ILE A 246 -2.39 4.89 26.28
CA ILE A 246 -1.22 4.02 26.13
C ILE A 246 -1.57 2.56 26.42
N GLU A 247 -2.51 2.37 27.33
CA GLU A 247 -2.90 1.05 27.78
C GLU A 247 -3.39 0.12 26.65
N HIS A 248 -4.00 0.68 25.63
CA HIS A 248 -4.50 -0.13 24.52
C HIS A 248 -3.38 -0.51 23.55
N ILE A 249 -2.44 0.41 23.37
CA ILE A 249 -1.27 0.11 22.57
C ILE A 249 -0.51 -1.03 23.23
N ALA A 250 -0.26 -0.90 24.52
CA ALA A 250 0.46 -1.93 25.28
C ALA A 250 -0.26 -3.27 25.19
N GLU A 251 -1.59 -3.24 25.24
CA GLU A 251 -2.39 -4.44 25.07
C GLU A 251 -2.15 -5.08 23.69
N ALA A 252 -2.11 -4.26 22.65
CA ALA A 252 -1.86 -4.76 21.30
C ALA A 252 -0.47 -5.38 21.21
N VAL A 253 0.53 -4.70 21.78
CA VAL A 253 1.87 -5.26 21.76
C VAL A 253 1.92 -6.57 22.53
N VAL A 254 1.23 -6.61 23.66
CA VAL A 254 1.21 -7.84 24.43
C VAL A 254 0.56 -8.97 23.62
N TYR A 255 -0.51 -8.65 22.90
CA TYR A 255 -1.12 -9.66 22.04
C TYR A 255 -0.16 -10.19 20.98
N MSE A 256 0.56 -9.27 20.33
CA MSE A 256 1.48 -9.64 19.25
C MSE A 256 2.58 -10.58 19.73
O MSE A 256 3.01 -11.48 18.99
CB MSE A 256 2.12 -8.39 18.66
CG MSE A 256 1.13 -7.46 18.00
SE MSE A 256 1.92 -5.74 17.48
CE MSE A 256 2.93 -6.40 15.93
N ALA A 257 3.04 -10.34 20.95
CA ALA A 257 4.14 -11.09 21.51
C ALA A 257 3.65 -12.38 22.16
N SER A 258 2.34 -12.48 22.42
CA SER A 258 1.81 -13.69 23.06
C SER A 258 1.78 -14.87 22.08
N LEU A 259 1.95 -14.58 20.80
CA LEU A 259 1.90 -15.65 19.81
C LEU A 259 3.16 -16.53 19.84
N PRO A 260 3.01 -17.80 19.43
CA PRO A 260 4.19 -18.62 19.20
C PRO A 260 4.88 -18.15 17.91
N LEU A 261 6.18 -18.38 17.82
CA LEU A 261 7.01 -17.89 16.71
C LEU A 261 6.49 -18.25 15.33
N SER A 262 5.70 -19.31 15.24
CA SER A 262 5.14 -19.74 13.97
C SER A 262 3.98 -18.85 13.53
N ALA A 263 3.50 -18.00 14.44
CA ALA A 263 2.49 -17.01 14.09
C ALA A 263 3.06 -15.59 14.19
N ASN A 264 2.59 -14.70 13.33
CA ASN A 264 3.05 -13.30 13.36
C ASN A 264 1.97 -12.28 12.97
N VAL A 265 1.86 -11.21 13.75
CA VAL A 265 1.15 -10.01 13.36
C VAL A 265 2.13 -9.18 12.54
N LEU A 266 2.01 -9.25 11.22
CA LEU A 266 2.99 -8.61 10.33
C LEU A 266 2.90 -7.09 10.40
N THR A 267 1.68 -6.58 10.51
CA THR A 267 1.44 -5.17 10.74
C THR A 267 0.09 -4.99 11.40
N MSE A 268 -0.02 -3.93 12.20
CA MSE A 268 -1.32 -3.50 12.68
C MSE A 268 -1.32 -2.01 12.91
O MSE A 268 -0.28 -1.39 13.17
CB MSE A 268 -1.75 -4.28 13.93
CG MSE A 268 -0.83 -4.18 15.13
SE MSE A 268 -1.53 -5.16 16.70
CE MSE A 268 -3.34 -4.40 16.79
N THR A 269 -2.50 -1.43 12.77
CA THR A 269 -2.70 0.00 12.93
C THR A 269 -3.74 0.15 14.05
N VAL A 270 -3.32 0.70 15.19
CA VAL A 270 -4.24 0.93 16.29
C VAL A 270 -4.25 2.44 16.48
N MSE A 271 -5.43 3.02 16.58
CA MSE A 271 -5.55 4.47 16.50
C MSE A 271 -6.81 4.97 17.18
O MSE A 271 -7.76 4.21 17.40
CB MSE A 271 -5.61 4.87 15.04
CG MSE A 271 -6.92 4.49 14.42
SE MSE A 271 -6.97 4.79 12.52
CE MSE A 271 -7.36 6.71 12.44
N ALA A 272 -6.82 6.26 17.51
CA ALA A 272 -8.03 6.95 17.92
C ALA A 272 -8.98 6.99 16.73
N THR A 273 -10.12 6.31 16.86
CA THR A 273 -11.07 6.14 15.76
C THR A 273 -11.38 7.41 14.95
N ARG A 274 -11.60 8.52 15.65
CA ARG A 274 -12.18 9.70 15.04
C ARG A 274 -11.14 10.76 14.68
N MSE A 275 -9.89 10.34 14.49
CA MSE A 275 -8.85 11.27 14.07
C MSE A 275 -8.81 11.23 12.55
O MSE A 275 -9.12 10.20 11.96
CB MSE A 275 -7.50 10.90 14.67
CG MSE A 275 -6.87 9.67 14.06
SE MSE A 275 -5.07 9.26 14.76
CE MSE A 275 -5.53 7.83 15.89
N PRO A 276 -8.44 12.35 11.92
CA PRO A 276 -8.40 12.30 10.46
C PRO A 276 -7.31 11.33 10.01
N LEU A 277 -7.61 10.51 9.00
CA LEU A 277 -6.62 9.66 8.37
C LEU A 277 -7.16 9.03 7.12
N VAL A 278 -8.32 8.38 7.25
CA VAL A 278 -8.85 7.55 6.17
C VAL A 278 -9.49 8.35 5.03
N GLY A 279 -9.65 9.65 5.23
CA GLY A 279 -10.18 10.51 4.19
C GLY A 279 -9.10 11.32 3.47
N ARG A 280 -9.49 12.00 2.40
CA ARG A 280 -8.55 12.83 1.63
C ARG A 280 -8.18 14.11 2.36
N GLY A 281 -6.90 14.44 2.30
CA GLY A 281 -6.42 15.71 2.82
C GLY A 281 -5.42 16.32 1.84
N ARG B 34 -23.20 -7.02 25.65
CA ARG B 34 -22.97 -6.54 24.29
C ARG B 34 -23.44 -7.58 23.27
N ILE B 35 -23.97 -7.10 22.16
CA ILE B 35 -24.53 -7.99 21.15
C ILE B 35 -23.59 -8.06 19.96
N ALA B 36 -23.25 -9.27 19.53
CA ALA B 36 -22.36 -9.47 18.41
C ALA B 36 -22.97 -10.40 17.36
N LEU B 37 -22.71 -10.08 16.10
CA LEU B 37 -23.20 -10.85 14.98
C LEU B 37 -22.01 -11.29 14.13
N VAL B 38 -21.87 -12.59 13.94
CA VAL B 38 -20.77 -13.14 13.16
C VAL B 38 -21.31 -13.93 11.98
N THR B 39 -21.27 -13.33 10.79
CA THR B 39 -21.74 -14.04 9.62
C THR B 39 -20.82 -15.22 9.39
N GLY B 40 -21.38 -16.30 8.83
CA GLY B 40 -20.62 -17.51 8.55
C GLY B 40 -19.94 -18.06 9.80
N GLY B 41 -20.62 -17.97 10.94
CA GLY B 41 -20.02 -18.31 12.22
C GLY B 41 -20.30 -19.72 12.70
N GLY B 42 -20.73 -20.58 11.78
CA GLY B 42 -20.99 -21.97 12.14
C GLY B 42 -19.76 -22.84 11.93
N THR B 43 -18.76 -22.29 11.25
CA THR B 43 -17.60 -23.09 10.87
C THR B 43 -16.27 -22.31 10.83
N GLY B 44 -15.16 -23.06 10.85
CA GLY B 44 -13.84 -22.50 10.64
C GLY B 44 -13.51 -21.28 11.47
N VAL B 45 -12.98 -20.26 10.81
CA VAL B 45 -12.54 -19.05 11.51
C VAL B 45 -13.70 -18.34 12.20
N GLY B 46 -14.84 -18.22 11.52
CA GLY B 46 -16.02 -17.57 12.05
C GLY B 46 -16.53 -18.28 13.29
N ARG B 47 -16.49 -19.61 13.27
CA ARG B 47 -16.94 -20.39 14.42
C ARG B 47 -16.01 -20.13 15.59
N GLY B 48 -14.71 -20.12 15.31
CA GLY B 48 -13.70 -19.86 16.34
C GLY B 48 -13.87 -18.48 16.95
N ILE B 49 -14.17 -17.48 16.12
CA ILE B 49 -14.41 -16.14 16.62
C ILE B 49 -15.64 -16.10 17.53
N ALA B 50 -16.75 -16.68 17.05
CA ALA B 50 -17.98 -16.77 17.83
C ALA B 50 -17.76 -17.42 19.20
N GLN B 51 -16.95 -18.47 19.22
CA GLN B 51 -16.62 -19.14 20.47
C GLN B 51 -15.93 -18.19 21.44
N ALA B 52 -14.91 -17.50 20.97
CA ALA B 52 -14.13 -16.60 21.80
C ALA B 52 -14.96 -15.41 22.30
N LEU B 53 -15.83 -14.86 21.45
CA LEU B 53 -16.66 -13.74 21.85
C LEU B 53 -17.61 -14.19 22.93
N SER B 54 -18.30 -15.29 22.68
CA SER B 54 -19.20 -15.84 23.69
C SER B 54 -18.45 -16.03 25.01
N ALA B 55 -17.25 -16.60 24.94
CA ALA B 55 -16.44 -16.78 26.14
C ALA B 55 -16.18 -15.45 26.85
N GLU B 56 -16.28 -14.36 26.11
CA GLU B 56 -16.04 -13.05 26.70
C GLU B 56 -17.32 -12.42 27.27
N GLY B 57 -18.44 -13.12 27.16
CA GLY B 57 -19.68 -12.62 27.70
C GLY B 57 -20.49 -11.80 26.72
N TYR B 58 -20.20 -11.93 25.44
CA TYR B 58 -21.07 -11.38 24.41
C TYR B 58 -22.28 -12.29 24.26
N SER B 59 -23.37 -11.75 23.74
CA SER B 59 -24.45 -12.56 23.20
C SER B 59 -24.17 -12.59 21.72
N VAL B 60 -24.16 -13.78 21.14
CA VAL B 60 -23.61 -13.94 19.81
C VAL B 60 -24.62 -14.52 18.84
N VAL B 61 -24.75 -13.89 17.69
CA VAL B 61 -25.60 -14.42 16.63
C VAL B 61 -24.72 -14.86 15.48
N ILE B 62 -24.78 -16.15 15.15
CA ILE B 62 -24.04 -16.69 14.03
C ILE B 62 -24.97 -17.08 12.89
N THR B 63 -24.48 -16.93 11.66
CA THR B 63 -25.30 -17.17 10.49
C THR B 63 -24.59 -18.18 9.59
N GLY B 64 -25.36 -18.90 8.77
CA GLY B 64 -24.80 -19.93 7.93
C GLY B 64 -25.87 -20.59 7.09
N ARG B 65 -25.47 -21.30 6.04
CA ARG B 65 -26.41 -21.88 5.08
C ARG B 65 -26.99 -23.21 5.52
N ARG B 66 -26.25 -23.94 6.35
CA ARG B 66 -26.70 -25.28 6.73
C ARG B 66 -27.21 -25.32 8.15
N PRO B 67 -28.48 -25.75 8.31
CA PRO B 67 -29.16 -25.73 9.61
C PRO B 67 -28.49 -26.63 10.65
N ASP B 68 -28.33 -27.90 10.31
CA ASP B 68 -27.74 -28.83 11.24
C ASP B 68 -26.40 -28.29 11.74
N VAL B 69 -25.53 -27.91 10.80
CA VAL B 69 -24.20 -27.40 11.15
C VAL B 69 -24.30 -26.23 12.11
N LEU B 70 -25.09 -25.23 11.72
CA LEU B 70 -25.25 -23.99 12.46
C LEU B 70 -25.87 -24.22 13.85
N ASP B 71 -26.89 -25.06 13.90
CA ASP B 71 -27.57 -25.38 15.15
C ASP B 71 -26.62 -26.06 16.14
N ALA B 72 -25.91 -27.07 15.66
CA ALA B 72 -24.95 -27.80 16.49
C ALA B 72 -23.92 -26.86 17.10
N ALA B 73 -23.30 -26.03 16.26
CA ALA B 73 -22.31 -25.05 16.67
C ALA B 73 -22.82 -24.13 17.77
N ALA B 74 -24.03 -23.60 17.59
CA ALA B 74 -24.62 -22.69 18.57
C ALA B 74 -24.77 -23.38 19.92
N GLY B 75 -25.30 -24.60 19.89
CA GLY B 75 -25.51 -25.39 21.09
C GLY B 75 -24.20 -25.76 21.74
N GLU B 76 -23.22 -26.16 20.93
CA GLU B 76 -21.91 -26.52 21.46
C GLU B 76 -21.27 -25.32 22.17
N ILE B 77 -21.29 -24.16 21.53
CA ILE B 77 -20.68 -22.97 22.11
C ILE B 77 -21.42 -22.51 23.37
N GLY B 78 -22.74 -22.41 23.28
CA GLY B 78 -23.54 -21.97 24.40
C GLY B 78 -23.29 -22.88 25.59
N GLY B 79 -23.05 -24.15 25.28
CA GLY B 79 -22.75 -25.16 26.28
C GLY B 79 -21.58 -24.74 27.13
N ARG B 80 -20.43 -24.54 26.50
CA ARG B 80 -19.19 -24.19 27.17
C ARG B 80 -19.28 -22.89 27.98
N THR B 81 -19.98 -21.89 27.45
CA THR B 81 -19.90 -20.54 28.02
C THR B 81 -21.09 -20.14 28.87
N GLY B 82 -22.24 -20.77 28.62
CA GLY B 82 -23.45 -20.46 29.37
C GLY B 82 -24.13 -19.19 28.90
N ASN B 83 -23.65 -18.65 27.77
CA ASN B 83 -24.20 -17.42 27.20
C ASN B 83 -25.03 -17.73 25.97
N ILE B 84 -25.94 -16.82 25.63
CA ILE B 84 -26.82 -17.00 24.47
C ILE B 84 -26.04 -17.03 23.16
N VAL B 85 -26.14 -18.15 22.42
CA VAL B 85 -25.69 -18.17 21.03
C VAL B 85 -26.89 -18.50 20.15
N ARG B 86 -27.26 -17.58 19.26
CA ARG B 86 -28.43 -17.76 18.41
C ARG B 86 -28.04 -18.09 16.96
N ALA B 87 -28.57 -19.21 16.45
CA ALA B 87 -28.24 -19.62 15.09
C ALA B 87 -29.32 -19.21 14.09
N VAL B 88 -28.97 -18.31 13.16
CA VAL B 88 -29.88 -17.91 12.09
C VAL B 88 -29.40 -18.43 10.74
N VAL B 89 -30.19 -19.30 10.13
CA VAL B 89 -29.85 -19.88 8.83
C VAL B 89 -30.17 -18.85 7.77
N CYS B 90 -29.14 -18.35 7.10
CA CYS B 90 -29.34 -17.22 6.21
C CYS B 90 -28.29 -17.09 5.12
N ASP B 91 -28.72 -16.61 3.98
CA ASP B 91 -27.79 -16.31 2.89
C ASP B 91 -27.57 -14.80 2.85
N VAL B 92 -26.40 -14.35 3.33
CA VAL B 92 -26.16 -12.91 3.45
C VAL B 92 -25.93 -12.23 2.09
N GLY B 93 -25.94 -13.01 1.03
CA GLY B 93 -25.88 -12.47 -0.31
C GLY B 93 -27.26 -12.06 -0.79
N ASP B 94 -28.28 -12.41 -0.01
CA ASP B 94 -29.66 -12.07 -0.36
C ASP B 94 -30.16 -10.91 0.48
N PRO B 95 -30.58 -9.81 -0.17
CA PRO B 95 -31.04 -8.60 0.52
C PRO B 95 -32.20 -8.85 1.47
N ASP B 96 -33.21 -9.60 1.03
CA ASP B 96 -34.37 -9.84 1.88
C ASP B 96 -33.97 -10.61 3.12
N GLN B 97 -33.21 -11.68 2.92
CA GLN B 97 -32.78 -12.49 4.05
C GLN B 97 -31.99 -11.64 5.03
N VAL B 98 -31.07 -10.83 4.52
CA VAL B 98 -30.26 -9.98 5.40
C VAL B 98 -31.19 -9.09 6.23
N ALA B 99 -32.28 -8.64 5.63
CA ALA B 99 -33.23 -7.79 6.35
C ALA B 99 -33.91 -8.54 7.48
N ALA B 100 -34.35 -9.78 7.20
CA ALA B 100 -34.97 -10.61 8.22
C ALA B 100 -34.00 -10.87 9.36
N LEU B 101 -32.79 -11.30 9.00
CA LEU B 101 -31.70 -11.47 9.95
C LEU B 101 -31.58 -10.29 10.92
N PHE B 102 -31.38 -9.09 10.39
CA PHE B 102 -31.20 -7.93 11.27
C PHE B 102 -32.46 -7.59 12.06
N ALA B 103 -33.62 -7.78 11.42
CA ALA B 103 -34.89 -7.65 12.13
C ALA B 103 -34.98 -8.67 13.29
N ALA B 104 -34.58 -9.91 13.03
CA ALA B 104 -34.55 -10.91 14.09
C ALA B 104 -33.56 -10.53 15.18
N VAL B 105 -32.50 -9.81 14.82
CA VAL B 105 -31.54 -9.40 15.83
C VAL B 105 -32.11 -8.27 16.65
N ARG B 106 -32.73 -7.30 15.98
CA ARG B 106 -33.34 -6.18 16.68
C ARG B 106 -34.45 -6.67 17.63
N ALA B 107 -35.38 -7.45 17.10
CA ALA B 107 -36.48 -7.97 17.92
C ALA B 107 -36.02 -8.69 19.19
N GLU B 108 -34.84 -9.30 19.17
CA GLU B 108 -34.42 -10.12 20.30
C GLU B 108 -33.46 -9.41 21.22
N PHE B 109 -32.55 -8.63 20.66
CA PHE B 109 -31.54 -7.96 21.46
C PHE B 109 -31.62 -6.44 21.36
N ALA B 110 -32.39 -5.94 20.42
CA ALA B 110 -32.72 -4.52 20.41
C ALA B 110 -31.50 -3.61 20.18
N ARG B 111 -30.34 -4.21 19.97
CA ARG B 111 -29.12 -3.45 19.73
C ARG B 111 -28.17 -4.31 18.93
N LEU B 112 -27.21 -3.68 18.26
CA LEU B 112 -26.07 -4.42 17.73
C LEU B 112 -24.80 -3.65 18.07
N ASP B 113 -23.86 -4.31 18.75
CA ASP B 113 -22.61 -3.64 19.14
C ASP B 113 -21.40 -4.05 18.29
N LEU B 114 -21.47 -5.22 17.68
CA LEU B 114 -20.37 -5.70 16.87
C LEU B 114 -20.88 -6.53 15.71
N LEU B 115 -20.37 -6.22 14.52
CA LEU B 115 -20.66 -7.02 13.35
C LEU B 115 -19.35 -7.50 12.75
N VAL B 116 -19.20 -8.82 12.65
CA VAL B 116 -18.02 -9.42 12.03
C VAL B 116 -18.44 -9.99 10.68
N ASN B 117 -18.04 -9.32 9.61
CA ASN B 117 -18.34 -9.81 8.27
C ASN B 117 -17.33 -10.90 7.92
N ASN B 118 -17.70 -12.14 8.21
CA ASN B 118 -16.78 -13.26 8.06
C ASN B 118 -17.18 -14.23 6.95
N ALA B 119 -18.45 -14.19 6.57
CA ALA B 119 -18.92 -15.10 5.53
C ALA B 119 -18.15 -14.81 4.26
N GLY B 120 -17.78 -15.87 3.54
CA GLY B 120 -16.99 -15.69 2.34
C GLY B 120 -16.65 -17.03 1.78
N SER B 121 -15.80 -17.07 0.76
CA SER B 121 -15.41 -18.34 0.16
C SER B 121 -14.35 -18.18 -0.90
N ASN B 122 -13.51 -19.19 -1.02
CA ASN B 122 -12.54 -19.22 -2.09
C ASN B 122 -12.80 -20.34 -3.09
N VAL B 123 -13.26 -19.95 -4.28
CA VAL B 123 -13.33 -20.83 -5.44
C VAL B 123 -12.08 -21.72 -5.54
N PRO B 124 -12.28 -23.01 -5.85
CA PRO B 124 -11.11 -23.80 -6.28
C PRO B 124 -10.52 -23.22 -7.57
N PRO B 125 -9.18 -23.06 -7.61
CA PRO B 125 -8.39 -22.35 -8.61
C PRO B 125 -8.49 -22.91 -10.02
N VAL B 126 -8.81 -22.05 -10.96
CA VAL B 126 -8.91 -22.47 -12.35
C VAL B 126 -8.30 -21.35 -13.19
N PRO B 127 -7.80 -21.67 -14.38
CA PRO B 127 -7.25 -20.61 -15.22
C PRO B 127 -8.19 -19.43 -15.33
N LEU B 128 -7.59 -18.23 -15.34
CA LEU B 128 -8.35 -16.99 -15.36
C LEU B 128 -9.51 -17.00 -16.33
N GLU B 129 -9.30 -17.50 -17.54
CA GLU B 129 -10.31 -17.38 -18.59
C GLU B 129 -11.35 -18.49 -18.58
N GLU B 130 -11.19 -19.48 -17.70
CA GLU B 130 -12.15 -20.58 -17.61
C GLU B 130 -13.18 -20.36 -16.51
N VAL B 131 -12.99 -19.32 -15.72
CA VAL B 131 -13.92 -18.99 -14.65
C VAL B 131 -15.29 -18.72 -15.26
N THR B 132 -16.30 -19.49 -14.86
CA THR B 132 -17.66 -19.28 -15.35
C THR B 132 -18.28 -18.01 -14.76
N PHE B 133 -19.27 -17.48 -15.46
CA PHE B 133 -20.04 -16.35 -15.00
C PHE B 133 -20.71 -16.68 -13.66
N GLU B 134 -21.17 -17.92 -13.53
CA GLU B 134 -21.76 -18.39 -12.29
C GLU B 134 -20.77 -18.35 -11.14
N GLN B 135 -19.57 -18.86 -11.37
CA GLN B 135 -18.55 -18.76 -10.34
C GLN B 135 -18.31 -17.30 -9.98
N TRP B 136 -18.19 -16.45 -11.00
CA TRP B 136 -17.85 -15.05 -10.75
C TRP B 136 -18.90 -14.37 -9.88
N ASN B 137 -20.17 -14.55 -10.26
CA ASN B 137 -21.27 -13.96 -9.50
C ASN B 137 -21.34 -14.48 -8.07
N GLY B 138 -21.10 -15.77 -7.91
CA GLY B 138 -21.09 -16.40 -6.61
C GLY B 138 -20.00 -15.86 -5.69
N ILE B 139 -18.78 -15.72 -6.20
CA ILE B 139 -17.70 -15.25 -5.34
C ILE B 139 -17.82 -13.76 -5.00
N VAL B 140 -18.32 -12.97 -5.94
CA VAL B 140 -18.56 -11.55 -5.71
C VAL B 140 -19.71 -11.37 -4.73
N ALA B 141 -20.71 -12.24 -4.83
CA ALA B 141 -21.85 -12.21 -3.93
C ALA B 141 -21.46 -12.69 -2.52
N ALA B 142 -20.65 -13.74 -2.47
CA ALA B 142 -20.21 -14.28 -1.19
C ALA B 142 -19.22 -13.33 -0.51
N ASN B 143 -18.19 -12.93 -1.26
CA ASN B 143 -17.03 -12.24 -0.69
C ASN B 143 -17.13 -10.73 -0.59
N LEU B 144 -18.13 -10.13 -1.21
CA LEU B 144 -18.21 -8.68 -1.17
C LEU B 144 -19.61 -8.19 -0.92
N THR B 145 -20.57 -8.74 -1.65
CA THR B 145 -21.94 -8.25 -1.54
C THR B 145 -22.49 -8.43 -0.13
N GLY B 146 -22.38 -9.66 0.40
CA GLY B 146 -22.80 -9.98 1.75
C GLY B 146 -22.28 -9.00 2.78
N ALA B 147 -20.97 -8.70 2.72
CA ALA B 147 -20.37 -7.82 3.71
C ALA B 147 -20.96 -6.40 3.62
N PHE B 148 -21.23 -5.94 2.40
CA PHE B 148 -21.80 -4.62 2.20
C PHE B 148 -23.22 -4.54 2.75
N LEU B 149 -24.03 -5.57 2.48
CA LEU B 149 -25.43 -5.58 2.88
C LEU B 149 -25.58 -5.60 4.39
N CYS B 150 -24.74 -6.39 5.04
CA CYS B 150 -24.72 -6.47 6.48
C CYS B 150 -24.27 -5.14 7.07
N THR B 151 -23.28 -4.52 6.43
CA THR B 151 -22.74 -3.27 6.92
C THR B 151 -23.80 -2.16 6.84
N GLN B 152 -24.59 -2.21 5.76
CA GLN B 152 -25.74 -1.33 5.61
C GLN B 152 -26.69 -1.42 6.81
N HIS B 153 -27.03 -2.64 7.21
CA HIS B 153 -27.99 -2.83 8.29
C HIS B 153 -27.39 -2.50 9.64
N ALA B 154 -26.10 -2.78 9.80
CA ALA B 154 -25.40 -2.43 11.02
C ALA B 154 -25.45 -0.92 11.21
N PHE B 155 -25.22 -0.21 10.12
CA PHE B 155 -25.30 1.24 10.15
C PHE B 155 -26.66 1.71 10.66
N ARG B 156 -27.69 1.29 9.94
CA ARG B 156 -29.07 1.54 10.33
C ARG B 156 -29.24 1.40 11.84
N MSE B 157 -29.01 0.20 12.35
CA MSE B 157 -29.17 -0.08 13.77
C MSE B 157 -28.24 0.76 14.66
O MSE B 157 -28.67 1.30 15.68
CB MSE B 157 -28.95 -1.56 14.06
CG MSE B 157 -30.05 -2.46 13.58
SE MSE B 157 -29.87 -4.28 14.34
CE MSE B 157 -29.99 -3.84 16.23
N MSE B 158 -26.98 0.83 14.27
CA MSE B 158 -25.98 1.48 15.11
C MSE B 158 -26.20 2.98 15.20
O MSE B 158 -25.81 3.62 16.17
CB MSE B 158 -24.57 1.17 14.64
CG MSE B 158 -24.18 -0.28 14.86
SE MSE B 158 -22.41 -0.73 14.15
CE MSE B 158 -22.36 -2.59 14.79
N LYS B 159 -26.83 3.55 14.17
CA LYS B 159 -27.13 4.97 14.19
C LYS B 159 -28.39 5.23 15.00
N ALA B 160 -29.36 4.33 14.92
CA ALA B 160 -30.62 4.49 15.65
C ALA B 160 -30.52 4.27 17.17
N GLN B 161 -29.76 3.27 17.58
CA GLN B 161 -29.75 2.89 18.99
C GLN B 161 -29.20 3.98 19.93
N THR B 162 -29.49 3.83 21.22
CA THR B 162 -29.03 4.74 22.26
C THR B 162 -28.37 3.94 23.35
N PRO B 163 -27.09 4.23 23.65
CA PRO B 163 -26.26 5.23 22.95
C PRO B 163 -25.85 4.71 21.57
N ARG B 164 -25.63 5.62 20.62
CA ARG B 164 -25.32 5.22 19.25
C ARG B 164 -23.94 4.55 19.12
N GLY B 165 -23.73 3.86 18.01
CA GLY B 165 -22.42 3.36 17.66
C GLY B 165 -22.29 1.86 17.75
N GLY B 166 -21.11 1.36 17.42
CA GLY B 166 -20.84 -0.05 17.40
C GLY B 166 -19.64 -0.28 16.49
N ARG B 167 -19.17 -1.51 16.43
CA ARG B 167 -17.97 -1.79 15.66
C ARG B 167 -18.20 -2.79 14.55
N ILE B 168 -17.52 -2.56 13.43
CA ILE B 168 -17.57 -3.48 12.31
C ILE B 168 -16.17 -4.02 12.00
N ILE B 169 -16.01 -5.33 12.07
CA ILE B 169 -14.75 -5.97 11.71
C ILE B 169 -14.92 -6.80 10.44
N ASN B 170 -14.19 -6.43 9.40
CA ASN B 170 -14.25 -7.14 8.14
C ASN B 170 -13.13 -8.17 8.01
N ASN B 171 -13.49 -9.39 7.70
CA ASN B 171 -12.51 -10.42 7.40
C ASN B 171 -11.99 -10.28 5.97
N GLY B 172 -10.80 -9.70 5.83
CA GLY B 172 -10.20 -9.52 4.52
C GLY B 172 -9.46 -10.79 4.11
N SER B 173 -8.18 -10.63 3.77
CA SER B 173 -7.32 -11.76 3.42
C SER B 173 -5.92 -11.31 3.06
N ILE B 174 -5.00 -12.25 3.13
CA ILE B 174 -3.66 -12.05 2.58
C ILE B 174 -3.77 -11.69 1.09
N SER B 175 -4.78 -12.23 0.42
CA SER B 175 -5.05 -11.90 -0.98
C SER B 175 -5.52 -10.47 -1.19
N ALA B 176 -5.68 -9.73 -0.10
CA ALA B 176 -5.93 -8.30 -0.18
C ALA B 176 -4.60 -7.62 -0.49
N GLN B 177 -3.52 -8.40 -0.37
CA GLN B 177 -2.19 -7.85 -0.54
C GLN B 177 -1.50 -8.40 -1.79
N THR B 178 -1.30 -9.72 -1.81
CA THR B 178 -0.60 -10.38 -2.90
C THR B 178 -1.33 -11.67 -3.26
N PRO B 179 -1.66 -11.84 -4.56
CA PRO B 179 -2.44 -12.98 -5.06
C PRO B 179 -1.63 -14.27 -5.24
N ARG B 180 -2.33 -15.40 -5.12
CA ARG B 180 -1.87 -16.67 -5.67
C ARG B 180 -2.19 -16.64 -7.16
N PRO B 181 -1.50 -17.45 -7.97
CA PRO B 181 -1.89 -17.59 -9.39
C PRO B 181 -3.31 -18.10 -9.48
N ASN B 182 -3.98 -17.89 -10.62
CA ASN B 182 -5.35 -18.39 -10.81
C ASN B 182 -6.32 -18.04 -9.65
N SER B 183 -6.38 -16.77 -9.27
CA SER B 183 -7.23 -16.35 -8.16
C SER B 183 -7.77 -14.93 -8.32
N ALA B 184 -7.89 -14.47 -9.56
CA ALA B 184 -8.32 -13.10 -9.82
C ALA B 184 -9.64 -12.75 -9.13
N PRO B 185 -10.62 -13.67 -9.17
CA PRO B 185 -11.88 -13.36 -8.47
C PRO B 185 -11.69 -13.15 -6.97
N TYR B 186 -11.07 -14.11 -6.28
CA TYR B 186 -10.84 -14.00 -4.85
C TYR B 186 -9.96 -12.81 -4.50
N THR B 187 -8.88 -12.63 -5.25
CA THR B 187 -7.98 -11.52 -5.01
C THR B 187 -8.74 -10.18 -5.15
N ALA B 188 -9.55 -10.08 -6.20
CA ALA B 188 -10.33 -8.87 -6.44
C ALA B 188 -11.37 -8.59 -5.34
N THR B 189 -12.07 -9.63 -4.88
CA THR B 189 -13.10 -9.42 -3.86
C THR B 189 -12.49 -9.04 -2.51
N LYS B 190 -11.35 -9.62 -2.19
CA LYS B 190 -10.66 -9.28 -0.96
C LYS B 190 -10.05 -7.89 -1.02
N HIS B 191 -9.37 -7.54 -2.11
CA HIS B 191 -8.96 -6.16 -2.29
C HIS B 191 -10.16 -5.22 -2.07
N ALA B 192 -11.31 -5.61 -2.62
CA ALA B 192 -12.53 -4.81 -2.51
C ALA B 192 -12.90 -4.57 -1.05
N ILE B 193 -12.73 -5.58 -0.21
CA ILE B 193 -13.04 -5.44 1.20
C ILE B 193 -12.25 -4.30 1.83
N THR B 194 -11.03 -4.11 1.36
CA THR B 194 -10.18 -3.03 1.82
C THR B 194 -10.80 -1.68 1.50
N GLY B 195 -11.34 -1.55 0.29
CA GLY B 195 -12.08 -0.35 -0.08
C GLY B 195 -13.25 -0.17 0.87
N LEU B 196 -14.10 -1.20 0.96
CA LEU B 196 -15.24 -1.20 1.87
C LEU B 196 -14.87 -0.68 3.27
N THR B 197 -13.83 -1.26 3.85
CA THR B 197 -13.41 -0.89 5.20
C THR B 197 -13.07 0.59 5.29
N LYS B 198 -12.34 1.08 4.30
CA LYS B 198 -11.95 2.48 4.29
C LYS B 198 -13.18 3.38 4.29
N SER B 199 -14.10 3.16 3.35
CA SER B 199 -15.32 3.97 3.28
C SER B 199 -16.19 3.82 4.53
N THR B 200 -16.25 2.61 5.08
CA THR B 200 -17.04 2.38 6.26
C THR B 200 -16.44 3.18 7.42
N ALA B 201 -15.13 3.08 7.58
CA ALA B 201 -14.41 3.82 8.61
C ALA B 201 -14.62 5.33 8.44
N LEU B 202 -14.54 5.81 7.20
CA LEU B 202 -14.79 7.23 6.92
C LEU B 202 -16.22 7.67 7.23
N ASP B 203 -17.20 6.96 6.69
CA ASP B 203 -18.60 7.35 6.82
C ASP B 203 -19.13 7.19 8.24
N GLY B 204 -18.65 6.16 8.94
CA GLY B 204 -19.08 5.88 10.30
C GLY B 204 -18.54 6.87 11.33
N ARG B 205 -17.46 7.56 10.97
CA ARG B 205 -16.71 8.38 11.92
C ARG B 205 -17.59 9.24 12.83
N MSE B 206 -18.55 9.94 12.25
CA MSE B 206 -19.33 10.94 13.00
C MSE B 206 -20.49 10.29 13.78
O MSE B 206 -21.20 10.98 14.51
CB MSE B 206 -19.86 12.03 12.07
CG MSE B 206 -20.96 11.55 11.12
SE MSE B 206 -21.70 12.94 9.94
CE MSE B 206 -22.77 13.94 11.24
N HIS B 207 -20.63 8.98 13.63
CA HIS B 207 -21.73 8.25 14.25
C HIS B 207 -21.21 7.27 15.27
N ASP B 208 -19.95 7.42 15.67
CA ASP B 208 -19.34 6.51 16.62
C ASP B 208 -19.37 5.06 16.13
N ILE B 209 -19.29 4.87 14.83
CA ILE B 209 -19.12 3.54 14.25
C ILE B 209 -17.66 3.37 13.85
N ALA B 210 -17.02 2.30 14.33
CA ALA B 210 -15.63 2.03 14.00
C ALA B 210 -15.52 0.84 13.07
N CYS B 211 -14.73 0.98 12.01
CA CYS B 211 -14.50 -0.15 11.11
C CYS B 211 -13.02 -0.53 11.01
N GLY B 212 -12.76 -1.83 11.08
CA GLY B 212 -11.41 -2.36 10.92
C GLY B 212 -11.43 -3.67 10.16
N GLN B 213 -10.27 -4.06 9.65
CA GLN B 213 -10.13 -5.24 8.82
C GLN B 213 -8.98 -6.11 9.30
N ILE B 214 -9.15 -7.42 9.22
CA ILE B 214 -8.10 -8.34 9.58
C ILE B 214 -7.77 -9.18 8.35
N ASP B 215 -6.50 -9.22 7.99
CA ASP B 215 -6.07 -10.01 6.84
C ASP B 215 -5.39 -11.28 7.32
N ILE B 216 -6.03 -12.41 7.04
CA ILE B 216 -5.59 -13.68 7.59
C ILE B 216 -4.73 -14.47 6.61
N GLY B 217 -3.61 -14.96 7.12
CA GLY B 217 -2.68 -15.74 6.33
C GLY B 217 -2.59 -17.15 6.84
N ASN B 218 -3.20 -18.08 6.09
CA ASN B 218 -3.10 -19.50 6.38
C ASN B 218 -3.51 -19.90 7.80
N ALA B 219 -4.65 -19.41 8.25
CA ALA B 219 -5.24 -19.91 9.48
C ALA B 219 -5.97 -21.21 9.17
N ALA B 220 -5.82 -22.18 10.05
CA ALA B 220 -6.47 -23.46 9.82
C ALA B 220 -6.78 -24.24 11.11
N THR B 221 -8.00 -24.71 11.16
CA THR B 221 -8.41 -25.82 11.97
C THR B 221 -7.33 -26.90 12.02
N ASP B 222 -7.17 -27.55 13.17
CA ASP B 222 -6.20 -28.62 13.32
C ASP B 222 -6.47 -29.77 12.34
N MSE B 223 -7.76 -30.00 12.08
CA MSE B 223 -8.17 -31.01 11.12
C MSE B 223 -7.70 -30.68 9.73
O MSE B 223 -7.07 -31.49 9.04
CB MSE B 223 -9.69 -31.06 11.06
CG MSE B 223 -10.37 -32.23 11.71
SE MSE B 223 -12.18 -32.34 10.96
CE MSE B 223 -11.75 -33.24 9.28
N THR B 224 -8.05 -29.49 9.28
CA THR B 224 -7.74 -29.05 7.93
C THR B 224 -6.23 -28.92 7.76
N ALA B 225 -5.59 -28.37 8.78
CA ALA B 225 -4.14 -28.16 8.74
C ALA B 225 -3.37 -29.48 8.60
N ARG B 226 -3.75 -30.50 9.34
CA ARG B 226 -3.00 -31.75 9.30
C ARG B 226 -3.11 -32.47 7.96
N MSE B 227 -4.14 -32.13 7.19
CA MSE B 227 -4.32 -32.68 5.84
C MSE B 227 -3.20 -32.32 4.86
O MSE B 227 -3.03 -33.00 3.82
CB MSE B 227 -5.65 -32.26 5.23
CG MSE B 227 -6.88 -32.75 5.96
SE MSE B 227 -8.51 -31.86 5.29
CE MSE B 227 -9.64 -32.09 6.88
N SER B 228 -2.46 -31.24 5.13
CA SER B 228 -1.38 -30.82 4.24
C SER B 228 -1.88 -30.58 2.81
N THR B 229 -2.98 -29.87 2.67
CA THR B 229 -3.54 -29.58 1.36
C THR B 229 -2.59 -28.69 0.55
N GLY B 230 -2.31 -29.09 -0.69
CA GLY B 230 -1.46 -28.30 -1.57
C GLY B 230 -2.16 -27.04 -2.06
N VAL B 231 -1.42 -25.94 -2.16
CA VAL B 231 -1.93 -24.72 -2.78
C VAL B 231 -0.92 -24.19 -3.81
N LEU B 232 -1.40 -23.37 -4.73
CA LEU B 232 -0.57 -22.79 -5.77
C LEU B 232 0.47 -21.79 -5.24
N GLN B 233 1.73 -21.99 -5.63
CA GLN B 233 2.81 -21.04 -5.36
C GLN B 233 2.96 -20.12 -6.56
N ALA B 234 3.75 -19.07 -6.40
CA ALA B 234 3.94 -18.08 -7.45
C ALA B 234 4.40 -18.69 -8.78
N ASN B 235 5.29 -19.67 -8.71
CA ASN B 235 5.84 -20.27 -9.92
C ASN B 235 4.91 -21.29 -10.56
N GLY B 236 3.77 -21.54 -9.92
CA GLY B 236 2.77 -22.45 -10.47
C GLY B 236 2.85 -23.85 -9.88
N GLU B 237 3.84 -24.09 -9.03
CA GLU B 237 3.94 -25.37 -8.35
C GLU B 237 2.88 -25.44 -7.26
N VAL B 238 2.59 -26.66 -6.84
CA VAL B 238 1.63 -26.93 -5.79
C VAL B 238 2.37 -27.41 -4.56
N ALA B 239 2.08 -26.83 -3.40
CA ALA B 239 2.72 -27.28 -2.17
C ALA B 239 1.89 -26.87 -0.96
N ALA B 240 1.93 -27.70 0.07
CA ALA B 240 1.30 -27.32 1.32
C ALA B 240 2.14 -26.20 1.93
N GLU B 241 1.51 -25.41 2.76
CA GLU B 241 2.13 -24.24 3.36
C GLU B 241 1.95 -24.29 4.88
N PRO B 242 2.78 -23.56 5.61
CA PRO B 242 2.66 -23.52 7.07
C PRO B 242 1.34 -22.87 7.44
N THR B 243 0.71 -23.31 8.53
CA THR B 243 -0.53 -22.68 9.00
C THR B 243 -0.48 -22.26 10.47
N ILE B 244 -1.55 -21.62 10.91
CA ILE B 244 -1.66 -21.24 12.30
C ILE B 244 -3.03 -21.58 12.83
N PRO B 245 -3.10 -21.90 14.12
CA PRO B 245 -4.36 -22.26 14.75
C PRO B 245 -5.36 -21.12 14.64
N ILE B 246 -6.61 -21.50 14.45
CA ILE B 246 -7.75 -20.59 14.36
C ILE B 246 -7.84 -19.72 15.61
N GLU B 247 -7.50 -20.32 16.74
CA GLU B 247 -7.48 -19.69 18.06
C GLU B 247 -6.78 -18.32 18.07
N HIS B 248 -5.73 -18.15 17.27
CA HIS B 248 -5.02 -16.88 17.25
C HIS B 248 -5.78 -15.77 16.55
N ILE B 249 -6.44 -16.10 15.45
CA ILE B 249 -7.31 -15.14 14.80
C ILE B 249 -8.46 -14.74 15.76
N ALA B 250 -9.04 -15.75 16.41
CA ALA B 250 -10.09 -15.53 17.41
C ALA B 250 -9.64 -14.56 18.50
N GLU B 251 -8.45 -14.79 19.05
CA GLU B 251 -7.87 -13.91 20.06
C GLU B 251 -7.68 -12.48 19.52
N ALA B 252 -7.26 -12.37 18.27
CA ALA B 252 -7.05 -11.06 17.66
C ALA B 252 -8.35 -10.26 17.56
N VAL B 253 -9.42 -10.94 17.18
CA VAL B 253 -10.71 -10.30 17.02
C VAL B 253 -11.27 -9.88 18.38
N VAL B 254 -11.09 -10.73 19.39
CA VAL B 254 -11.48 -10.39 20.75
C VAL B 254 -10.79 -9.10 21.20
N TYR B 255 -9.50 -8.97 20.88
CA TYR B 255 -8.78 -7.74 21.17
C TYR B 255 -9.33 -6.52 20.41
N MSE B 256 -9.53 -6.68 19.11
CA MSE B 256 -10.11 -5.62 18.29
C MSE B 256 -11.41 -5.13 18.87
O MSE B 256 -11.65 -3.92 18.96
CB MSE B 256 -10.31 -6.09 16.86
CG MSE B 256 -9.00 -6.31 16.12
SE MSE B 256 -9.21 -7.10 14.34
CE MSE B 256 -9.83 -5.53 13.32
N ALA B 257 -12.24 -6.06 19.32
CA ALA B 257 -13.56 -5.74 19.86
C ALA B 257 -13.53 -5.27 21.31
N SER B 258 -12.41 -5.49 22.01
CA SER B 258 -12.35 -5.12 23.41
C SER B 258 -12.18 -3.63 23.59
N LEU B 259 -11.64 -2.98 22.55
CA LEU B 259 -11.45 -1.54 22.58
C LEU B 259 -12.77 -0.79 22.73
N PRO B 260 -12.76 0.31 23.50
CA PRO B 260 -13.89 1.23 23.45
C PRO B 260 -14.01 1.75 22.02
N LEU B 261 -15.20 2.25 21.67
CA LEU B 261 -15.47 2.75 20.33
C LEU B 261 -14.50 3.82 19.85
N SER B 262 -13.95 4.59 20.78
CA SER B 262 -13.05 5.69 20.45
C SER B 262 -11.63 5.23 20.07
N ALA B 263 -11.39 3.92 20.13
CA ALA B 263 -10.14 3.34 19.64
C ALA B 263 -10.47 2.31 18.57
N ASN B 264 -9.49 2.00 17.72
CA ASN B 264 -9.78 1.13 16.60
C ASN B 264 -8.53 0.48 16.04
N VAL B 265 -8.58 -0.83 15.84
CA VAL B 265 -7.61 -1.51 15.00
C VAL B 265 -8.14 -1.38 13.59
N LEU B 266 -7.57 -0.45 12.83
CA LEU B 266 -7.99 -0.18 11.47
C LEU B 266 -7.65 -1.34 10.53
N THR B 267 -6.51 -1.95 10.77
CA THR B 267 -6.11 -3.13 10.01
C THR B 267 -5.03 -3.88 10.75
N MSE B 268 -5.08 -5.20 10.63
CA MSE B 268 -4.00 -6.03 11.11
C MSE B 268 -3.90 -7.23 10.19
O MSE B 268 -4.89 -7.68 9.64
CB MSE B 268 -4.21 -6.44 12.57
CG MSE B 268 -5.49 -7.22 12.86
SE MSE B 268 -5.68 -7.61 14.80
CE MSE B 268 -3.89 -8.31 15.16
N THR B 269 -2.68 -7.70 10.03
CA THR B 269 -2.41 -8.91 9.29
C THR B 269 -1.84 -9.93 10.28
N VAL B 270 -2.50 -11.07 10.37
CA VAL B 270 -2.07 -12.17 11.22
C VAL B 270 -1.90 -13.40 10.33
N MSE B 271 -0.72 -14.01 10.38
CA MSE B 271 -0.35 -14.95 9.36
C MSE B 271 0.57 -16.04 9.88
O MSE B 271 1.15 -15.90 10.95
CB MSE B 271 0.37 -14.18 8.27
CG MSE B 271 1.57 -13.47 8.77
SE MSE B 271 2.47 -12.60 7.31
CE MSE B 271 3.46 -14.19 6.65
N ALA B 272 0.70 -17.11 9.11
CA ALA B 272 1.74 -18.11 9.40
C ALA B 272 3.09 -17.49 9.09
N THR B 273 3.96 -17.38 10.10
CA THR B 273 5.23 -16.66 9.96
C THR B 273 6.02 -17.11 8.74
N ARG B 274 5.96 -18.41 8.46
CA ARG B 274 6.86 -19.01 7.49
C ARG B 274 6.27 -19.27 6.09
N MSE B 275 4.97 -19.02 5.93
CA MSE B 275 4.35 -19.10 4.61
C MSE B 275 4.88 -17.99 3.71
O MSE B 275 5.16 -16.90 4.16
CB MSE B 275 2.85 -18.95 4.71
CG MSE B 275 2.40 -17.51 4.83
SE MSE B 275 0.46 -17.30 4.94
CE MSE B 275 0.51 -15.70 5.97
N PRO B 276 4.98 -18.28 2.39
CA PRO B 276 5.42 -17.24 1.46
C PRO B 276 4.41 -16.09 1.43
N LEU B 277 4.91 -14.86 1.44
CA LEU B 277 4.07 -13.69 1.29
C LEU B 277 4.93 -12.46 1.09
N VAL B 278 5.85 -12.23 2.03
CA VAL B 278 6.52 -10.96 2.14
C VAL B 278 7.67 -10.75 1.14
N GLY B 279 8.15 -11.83 0.52
CA GLY B 279 9.20 -11.74 -0.50
C GLY B 279 8.62 -11.78 -1.91
N ARG B 280 9.48 -11.59 -2.91
CA ARG B 280 8.99 -11.46 -4.28
C ARG B 280 8.65 -12.78 -4.93
N GLY B 281 7.49 -12.80 -5.57
CA GLY B 281 7.10 -13.93 -6.39
C GLY B 281 6.73 -13.50 -7.79
N ARG C 34 -1.08 -2.43 -34.87
CA ARG C 34 -1.53 -3.00 -33.61
C ARG C 34 -3.03 -2.72 -33.36
N ILE C 35 -3.71 -3.69 -32.77
CA ILE C 35 -5.13 -3.62 -32.51
C ILE C 35 -5.40 -3.25 -31.05
N ALA C 36 -6.23 -2.24 -30.84
CA ALA C 36 -6.55 -1.77 -29.50
C ALA C 36 -8.05 -1.78 -29.28
N LEU C 37 -8.47 -2.18 -28.08
CA LEU C 37 -9.86 -2.12 -27.68
C LEU C 37 -10.01 -1.26 -26.41
N VAL C 38 -10.84 -0.25 -26.49
CA VAL C 38 -11.05 0.63 -25.36
C VAL C 38 -12.51 0.58 -24.97
N THR C 39 -12.82 0.00 -23.82
CA THR C 39 -14.21 -0.04 -23.37
C THR C 39 -14.56 1.37 -22.90
N GLY C 40 -15.85 1.71 -22.97
CA GLY C 40 -16.33 3.05 -22.63
C GLY C 40 -15.55 4.16 -23.33
N GLY C 41 -15.18 3.92 -24.58
CA GLY C 41 -14.29 4.82 -25.28
C GLY C 41 -14.99 5.86 -26.13
N GLY C 42 -16.29 6.03 -25.92
CA GLY C 42 -17.05 7.00 -26.68
C GLY C 42 -17.03 8.36 -26.01
N THR C 43 -16.70 8.37 -24.73
CA THR C 43 -16.84 9.59 -23.95
C THR C 43 -15.62 9.79 -23.03
N GLY C 44 -15.42 11.03 -22.61
CA GLY C 44 -14.43 11.38 -21.59
C GLY C 44 -13.04 10.83 -21.77
N VAL C 45 -12.50 10.28 -20.68
CA VAL C 45 -11.16 9.71 -20.66
C VAL C 45 -11.00 8.65 -21.74
N GLY C 46 -11.99 7.78 -21.87
CA GLY C 46 -11.99 6.72 -22.87
C GLY C 46 -11.84 7.28 -24.27
N ARG C 47 -12.59 8.34 -24.58
CA ARG C 47 -12.51 8.92 -25.92
C ARG C 47 -11.12 9.49 -26.19
N GLY C 48 -10.58 10.21 -25.21
CA GLY C 48 -9.25 10.78 -25.35
C GLY C 48 -8.19 9.71 -25.54
N ILE C 49 -8.28 8.64 -24.76
CA ILE C 49 -7.36 7.51 -24.92
C ILE C 49 -7.48 6.94 -26.32
N ALA C 50 -8.70 6.66 -26.76
CA ALA C 50 -8.94 6.11 -28.10
C ALA C 50 -8.29 6.98 -29.18
N GLN C 51 -8.61 8.27 -29.14
CA GLN C 51 -8.08 9.25 -30.08
C GLN C 51 -6.55 9.26 -30.13
N ALA C 52 -5.93 9.31 -28.96
CA ALA C 52 -4.48 9.31 -28.86
C ALA C 52 -3.88 8.04 -29.47
N LEU C 53 -4.49 6.90 -29.14
CA LEU C 53 -4.02 5.63 -29.69
C LEU C 53 -4.14 5.61 -31.21
N SER C 54 -5.22 6.18 -31.73
CA SER C 54 -5.41 6.25 -33.18
C SER C 54 -4.32 7.11 -33.79
N ALA C 55 -4.14 8.31 -33.24
CA ALA C 55 -3.07 9.16 -33.69
C ALA C 55 -1.72 8.43 -33.66
N GLU C 56 -1.64 7.37 -32.85
CA GLU C 56 -0.41 6.57 -32.76
C GLU C 56 -0.38 5.45 -33.80
N GLY C 57 -1.41 5.33 -34.62
CA GLY C 57 -1.41 4.34 -35.69
C GLY C 57 -2.11 3.04 -35.37
N TYR C 58 -2.50 2.86 -34.12
CA TYR C 58 -3.30 1.72 -33.73
C TYR C 58 -4.58 1.68 -34.56
N SER C 59 -5.09 0.47 -34.80
CA SER C 59 -6.46 0.30 -35.24
C SER C 59 -7.27 0.17 -33.96
N VAL C 60 -8.25 1.04 -33.79
CA VAL C 60 -8.92 1.19 -32.52
C VAL C 60 -10.40 0.82 -32.57
N VAL C 61 -10.84 0.10 -31.54
CA VAL C 61 -12.21 -0.35 -31.42
C VAL C 61 -12.75 0.14 -30.09
N ILE C 62 -13.84 0.91 -30.13
CA ILE C 62 -14.43 1.43 -28.90
C ILE C 62 -15.83 0.89 -28.64
N THR C 63 -16.19 0.78 -27.36
CA THR C 63 -17.52 0.28 -26.98
C THR C 63 -18.32 1.29 -26.18
N GLY C 64 -19.62 1.04 -26.09
CA GLY C 64 -20.49 1.88 -25.30
C GLY C 64 -21.95 1.53 -25.53
N ARG C 65 -22.83 2.17 -24.76
CA ARG C 65 -24.26 1.88 -24.84
C ARG C 65 -25.06 2.89 -25.67
N ARG C 66 -24.46 4.01 -26.04
CA ARG C 66 -25.20 5.01 -26.81
C ARG C 66 -24.70 5.15 -28.24
N PRO C 67 -25.41 4.49 -29.18
CA PRO C 67 -25.07 4.34 -30.61
C PRO C 67 -24.70 5.65 -31.30
N ASP C 68 -25.57 6.65 -31.19
CA ASP C 68 -25.29 7.97 -31.72
C ASP C 68 -23.92 8.48 -31.26
N VAL C 69 -23.81 8.72 -29.95
CA VAL C 69 -22.57 9.18 -29.32
C VAL C 69 -21.35 8.37 -29.77
N LEU C 70 -21.52 7.05 -29.92
CA LEU C 70 -20.44 6.14 -30.27
C LEU C 70 -20.01 6.34 -31.72
N ASP C 71 -20.98 6.29 -32.63
CA ASP C 71 -20.73 6.62 -34.03
C ASP C 71 -20.02 7.97 -34.15
N ALA C 72 -20.67 9.01 -33.65
CA ALA C 72 -20.11 10.36 -33.66
C ALA C 72 -18.64 10.35 -33.27
N ALA C 73 -18.33 9.84 -32.08
CA ALA C 73 -16.94 9.69 -31.63
C ALA C 73 -16.06 8.97 -32.66
N ALA C 74 -16.50 7.80 -33.12
CA ALA C 74 -15.73 7.04 -34.08
C ALA C 74 -15.46 7.85 -35.34
N GLY C 75 -16.49 8.56 -35.80
CA GLY C 75 -16.37 9.34 -37.02
C GLY C 75 -15.32 10.42 -36.87
N GLU C 76 -15.43 11.19 -35.79
CA GLU C 76 -14.53 12.30 -35.54
C GLU C 76 -13.07 11.85 -35.43
N ILE C 77 -12.80 10.90 -34.53
CA ILE C 77 -11.46 10.37 -34.41
C ILE C 77 -10.99 9.80 -35.75
N GLY C 78 -11.84 8.99 -36.36
CA GLY C 78 -11.53 8.42 -37.65
C GLY C 78 -11.03 9.48 -38.60
N GLY C 79 -11.77 10.59 -38.67
CA GLY C 79 -11.42 11.70 -39.53
C GLY C 79 -10.07 12.33 -39.27
N ARG C 80 -9.81 12.74 -38.04
CA ARG C 80 -8.61 13.49 -37.71
C ARG C 80 -7.35 12.65 -37.92
N THR C 81 -7.45 11.37 -37.57
CA THR C 81 -6.30 10.47 -37.64
C THR C 81 -6.22 9.76 -38.99
N GLY C 82 -7.38 9.32 -39.50
CA GLY C 82 -7.45 8.64 -40.78
C GLY C 82 -7.23 7.14 -40.67
N ASN C 83 -7.37 6.63 -39.45
CA ASN C 83 -7.17 5.22 -39.20
C ASN C 83 -8.47 4.53 -38.83
N ILE C 84 -8.50 3.20 -38.94
CA ILE C 84 -9.70 2.44 -38.64
C ILE C 84 -10.10 2.57 -37.17
N VAL C 85 -11.19 3.30 -36.92
CA VAL C 85 -11.80 3.40 -35.59
C VAL C 85 -13.23 2.85 -35.62
N ARG C 86 -13.42 1.64 -35.10
CA ARG C 86 -14.73 0.99 -35.11
C ARG C 86 -15.49 1.21 -33.82
N ALA C 87 -16.81 1.30 -33.91
CA ALA C 87 -17.66 1.48 -32.75
C ALA C 87 -18.61 0.31 -32.59
N VAL C 88 -18.57 -0.32 -31.43
CA VAL C 88 -19.49 -1.41 -31.12
C VAL C 88 -20.32 -1.05 -29.88
N VAL C 89 -21.64 -1.11 -30.01
CA VAL C 89 -22.51 -0.85 -28.87
C VAL C 89 -22.58 -2.12 -28.05
N CYS C 90 -22.19 -2.01 -26.79
CA CYS C 90 -21.98 -3.21 -25.99
C CYS C 90 -22.11 -2.92 -24.49
N ASP C 91 -22.81 -3.80 -23.80
CA ASP C 91 -22.88 -3.76 -22.35
C ASP C 91 -21.85 -4.75 -21.82
N VAL C 92 -20.72 -4.23 -21.35
CA VAL C 92 -19.60 -5.11 -20.98
C VAL C 92 -19.85 -5.90 -19.70
N GLY C 93 -20.99 -5.64 -19.06
CA GLY C 93 -21.43 -6.45 -17.94
C GLY C 93 -22.20 -7.68 -18.40
N ASP C 94 -22.41 -7.79 -19.70
CA ASP C 94 -23.16 -8.93 -20.24
C ASP C 94 -22.28 -9.88 -21.03
N PRO C 95 -22.11 -11.11 -20.51
CA PRO C 95 -21.19 -12.11 -21.06
C PRO C 95 -21.40 -12.37 -22.55
N ASP C 96 -22.67 -12.41 -22.95
CA ASP C 96 -23.02 -12.69 -24.35
C ASP C 96 -22.58 -11.56 -25.26
N GLN C 97 -22.80 -10.33 -24.81
CA GLN C 97 -22.37 -9.17 -25.56
C GLN C 97 -20.85 -9.13 -25.64
N VAL C 98 -20.17 -9.34 -24.52
CA VAL C 98 -18.71 -9.28 -24.51
C VAL C 98 -18.15 -10.34 -25.46
N ALA C 99 -18.71 -11.54 -25.40
CA ALA C 99 -18.37 -12.62 -26.33
C ALA C 99 -18.48 -12.17 -27.78
N ALA C 100 -19.60 -11.54 -28.12
CA ALA C 100 -19.81 -11.05 -29.47
C ALA C 100 -18.77 -10.00 -29.79
N LEU C 101 -18.60 -9.06 -28.87
CA LEU C 101 -17.60 -8.03 -28.99
C LEU C 101 -16.25 -8.62 -29.37
N PHE C 102 -15.85 -9.69 -28.69
CA PHE C 102 -14.54 -10.28 -28.96
C PHE C 102 -14.52 -11.12 -30.23
N ALA C 103 -15.65 -11.77 -30.54
CA ALA C 103 -15.78 -12.48 -31.80
C ALA C 103 -15.68 -11.49 -32.97
N ALA C 104 -16.33 -10.34 -32.85
CA ALA C 104 -16.20 -9.32 -33.86
C ALA C 104 -14.74 -8.94 -34.08
N VAL C 105 -14.06 -8.57 -33.01
CA VAL C 105 -12.67 -8.15 -33.11
C VAL C 105 -11.80 -9.22 -33.79
N ARG C 106 -11.99 -10.46 -33.36
CA ARG C 106 -11.22 -11.57 -33.91
C ARG C 106 -11.51 -11.74 -35.39
N ALA C 107 -12.78 -11.64 -35.76
CA ALA C 107 -13.17 -11.81 -37.15
C ALA C 107 -12.61 -10.71 -38.04
N GLU C 108 -12.51 -9.49 -37.53
CA GLU C 108 -11.99 -8.41 -38.36
C GLU C 108 -10.47 -8.29 -38.32
N PHE C 109 -9.89 -8.48 -37.14
CA PHE C 109 -8.46 -8.22 -36.97
C PHE C 109 -7.65 -9.47 -36.63
N ALA C 110 -8.33 -10.53 -36.21
CA ALA C 110 -7.67 -11.80 -35.89
C ALA C 110 -6.81 -11.76 -34.62
N ARG C 111 -6.55 -10.57 -34.10
CA ARG C 111 -5.74 -10.47 -32.89
C ARG C 111 -6.13 -9.26 -32.08
N LEU C 112 -5.58 -9.17 -30.87
CA LEU C 112 -5.74 -7.99 -30.02
C LEU C 112 -4.41 -7.74 -29.33
N ASP C 113 -3.90 -6.52 -29.43
CA ASP C 113 -2.63 -6.20 -28.81
C ASP C 113 -2.82 -5.45 -27.48
N LEU C 114 -3.91 -4.69 -27.40
CA LEU C 114 -4.12 -3.81 -26.26
C LEU C 114 -5.58 -3.75 -25.87
N LEU C 115 -5.84 -4.05 -24.60
CA LEU C 115 -7.16 -3.90 -24.03
C LEU C 115 -7.07 -2.82 -22.96
N VAL C 116 -7.92 -1.80 -23.07
CA VAL C 116 -8.00 -0.76 -22.05
C VAL C 116 -9.36 -0.83 -21.37
N ASN C 117 -9.38 -1.34 -20.15
CA ASN C 117 -10.61 -1.42 -19.38
C ASN C 117 -10.93 -0.05 -18.80
N ASN C 118 -11.80 0.67 -19.48
CA ASN C 118 -12.12 2.05 -19.11
C ASN C 118 -13.59 2.18 -18.78
N ALA C 119 -14.38 1.21 -19.22
CA ALA C 119 -15.81 1.29 -18.97
C ALA C 119 -16.00 1.24 -17.46
N GLY C 120 -17.00 1.98 -16.99
CA GLY C 120 -17.17 2.18 -15.57
C GLY C 120 -17.87 3.50 -15.33
N SER C 121 -18.50 3.62 -14.17
CA SER C 121 -19.30 4.79 -13.85
C SER C 121 -19.27 4.99 -12.36
N ASN C 122 -19.27 6.23 -11.93
CA ASN C 122 -19.47 6.49 -10.51
C ASN C 122 -20.97 6.56 -10.19
N VAL C 123 -21.30 7.24 -9.10
CA VAL C 123 -22.66 7.26 -8.61
C VAL C 123 -22.81 8.53 -7.80
N PRO C 124 -23.98 9.19 -7.89
CA PRO C 124 -24.21 10.30 -6.95
C PRO C 124 -24.11 9.80 -5.51
N PRO C 125 -23.28 10.46 -4.70
CA PRO C 125 -23.13 10.02 -3.31
C PRO C 125 -24.48 9.95 -2.63
N VAL C 126 -24.66 8.91 -1.84
CA VAL C 126 -25.85 8.79 -1.03
C VAL C 126 -25.35 8.12 0.24
N PRO C 127 -25.98 8.40 1.38
CA PRO C 127 -25.58 7.71 2.62
C PRO C 127 -25.46 6.21 2.41
N LEU C 128 -24.36 5.62 2.86
CA LEU C 128 -24.09 4.18 2.76
C LEU C 128 -25.32 3.26 2.92
N GLU C 129 -26.15 3.50 3.92
CA GLU C 129 -27.25 2.56 4.21
C GLU C 129 -28.44 2.75 3.26
N GLU C 130 -28.37 3.78 2.42
CA GLU C 130 -29.46 4.15 1.52
C GLU C 130 -29.23 3.70 0.07
N VAL C 131 -28.01 3.27 -0.23
CA VAL C 131 -27.71 2.69 -1.53
C VAL C 131 -28.66 1.53 -1.79
N THR C 132 -29.35 1.55 -2.93
CA THR C 132 -30.27 0.45 -3.25
C THR C 132 -29.51 -0.79 -3.76
N PHE C 133 -30.14 -1.95 -3.66
CA PHE C 133 -29.58 -3.17 -4.23
C PHE C 133 -29.27 -2.97 -5.73
N GLU C 134 -30.27 -2.48 -6.47
CA GLU C 134 -30.09 -2.08 -7.88
C GLU C 134 -28.82 -1.25 -8.11
N GLN C 135 -28.61 -0.24 -7.28
CA GLN C 135 -27.46 0.62 -7.45
C GLN C 135 -26.18 -0.18 -7.21
N TRP C 136 -26.14 -0.90 -6.10
CA TRP C 136 -24.97 -1.70 -5.77
C TRP C 136 -24.63 -2.64 -6.92
N ASN C 137 -25.60 -3.46 -7.31
CA ASN C 137 -25.43 -4.41 -8.40
C ASN C 137 -24.99 -3.73 -9.69
N GLY C 138 -25.60 -2.60 -9.98
CA GLY C 138 -25.27 -1.82 -11.16
C GLY C 138 -23.84 -1.35 -11.16
N ILE C 139 -23.37 -0.84 -10.03
CA ILE C 139 -22.03 -0.30 -9.93
C ILE C 139 -20.99 -1.40 -9.86
N VAL C 140 -21.38 -2.58 -9.39
CA VAL C 140 -20.46 -3.72 -9.38
C VAL C 140 -20.26 -4.24 -10.80
N ALA C 141 -21.33 -4.33 -11.56
CA ALA C 141 -21.21 -4.83 -12.93
C ALA C 141 -20.46 -3.84 -13.83
N ALA C 142 -20.63 -2.54 -13.60
CA ALA C 142 -20.01 -1.55 -14.47
C ALA C 142 -18.53 -1.33 -14.14
N ASN C 143 -18.18 -1.42 -12.86
CA ASN C 143 -16.83 -1.09 -12.40
C ASN C 143 -15.91 -2.28 -12.17
N LEU C 144 -16.47 -3.48 -12.15
CA LEU C 144 -15.67 -4.66 -11.86
C LEU C 144 -15.90 -5.79 -12.85
N THR C 145 -17.16 -6.23 -12.93
CA THR C 145 -17.52 -7.38 -13.76
C THR C 145 -17.10 -7.20 -15.22
N GLY C 146 -17.47 -6.06 -15.79
CA GLY C 146 -17.11 -5.76 -17.17
C GLY C 146 -15.63 -5.89 -17.41
N ALA C 147 -14.84 -5.29 -16.53
CA ALA C 147 -13.39 -5.35 -16.65
C ALA C 147 -12.89 -6.78 -16.49
N PHE C 148 -13.54 -7.55 -15.62
CA PHE C 148 -13.18 -8.95 -15.46
C PHE C 148 -13.51 -9.77 -16.72
N LEU C 149 -14.72 -9.58 -17.25
CA LEU C 149 -15.15 -10.33 -18.43
C LEU C 149 -14.27 -10.06 -19.67
N CYS C 150 -13.90 -8.80 -19.87
CA CYS C 150 -13.06 -8.44 -20.99
C CYS C 150 -11.65 -8.98 -20.81
N THR C 151 -11.13 -8.86 -19.59
CA THR C 151 -9.84 -9.46 -19.27
C THR C 151 -9.87 -10.93 -19.64
N GLN C 152 -10.94 -11.62 -19.25
CA GLN C 152 -11.06 -13.04 -19.59
C GLN C 152 -10.85 -13.29 -21.08
N HIS C 153 -11.55 -12.53 -21.90
CA HIS C 153 -11.51 -12.73 -23.35
C HIS C 153 -10.19 -12.27 -23.95
N ALA C 154 -9.63 -11.19 -23.41
CA ALA C 154 -8.32 -10.73 -23.88
C ALA C 154 -7.31 -11.85 -23.68
N PHE C 155 -7.37 -12.47 -22.51
CA PHE C 155 -6.48 -13.57 -22.17
C PHE C 155 -6.59 -14.70 -23.15
N ARG C 156 -7.83 -15.08 -23.45
CA ARG C 156 -8.05 -16.19 -24.35
C ARG C 156 -7.51 -15.87 -25.74
N MSE C 157 -7.78 -14.66 -26.23
CA MSE C 157 -7.26 -14.25 -27.53
C MSE C 157 -5.75 -14.16 -27.54
O MSE C 157 -5.10 -14.62 -28.47
CB MSE C 157 -7.84 -12.92 -27.94
CG MSE C 157 -9.22 -12.98 -28.49
SE MSE C 157 -9.50 -11.47 -29.67
CE MSE C 157 -8.09 -11.85 -30.97
N MSE C 158 -5.20 -13.55 -26.49
CA MSE C 158 -3.77 -13.23 -26.45
C MSE C 158 -2.92 -14.49 -26.32
O MSE C 158 -1.83 -14.55 -26.88
CB MSE C 158 -3.47 -12.21 -25.36
CG MSE C 158 -3.92 -10.80 -25.71
SE MSE C 158 -3.85 -9.54 -24.19
CE MSE C 158 -4.50 -7.94 -25.10
N LYS C 159 -3.43 -15.47 -25.58
CA LYS C 159 -2.74 -16.74 -25.35
C LYS C 159 -2.77 -17.62 -26.58
N ALA C 160 -3.72 -17.37 -27.47
CA ALA C 160 -3.92 -18.25 -28.62
C ALA C 160 -3.42 -17.63 -29.92
N GLN C 161 -3.47 -16.31 -29.99
CA GLN C 161 -3.02 -15.62 -31.19
C GLN C 161 -1.52 -15.86 -31.39
N THR C 162 -1.04 -15.53 -32.59
CA THR C 162 0.39 -15.54 -32.83
C THR C 162 0.73 -14.40 -33.80
N PRO C 163 1.78 -13.63 -33.48
CA PRO C 163 2.54 -13.78 -32.23
C PRO C 163 1.61 -13.68 -31.02
N ARG C 164 1.90 -14.42 -29.97
CA ARG C 164 1.08 -14.39 -28.78
C ARG C 164 1.40 -13.13 -27.96
N GLY C 165 0.52 -12.82 -27.02
CA GLY C 165 0.79 -11.78 -26.06
C GLY C 165 0.04 -10.49 -26.31
N GLY C 166 -0.01 -9.65 -25.28
CA GLY C 166 -0.64 -8.36 -25.40
C GLY C 166 -0.56 -7.65 -24.08
N ARG C 167 -1.02 -6.42 -24.07
CA ARG C 167 -1.02 -5.63 -22.85
C ARG C 167 -2.45 -5.22 -22.51
N ILE C 168 -2.75 -5.26 -21.21
CA ILE C 168 -4.06 -4.91 -20.70
C ILE C 168 -3.86 -3.80 -19.71
N ILE C 169 -4.50 -2.66 -19.95
CA ILE C 169 -4.39 -1.55 -19.03
C ILE C 169 -5.71 -1.29 -18.33
N ASN C 170 -5.71 -1.45 -17.01
CA ASN C 170 -6.91 -1.18 -16.22
C ASN C 170 -6.98 0.24 -15.73
N ASN C 171 -8.08 0.92 -16.06
CA ASN C 171 -8.37 2.21 -15.47
C ASN C 171 -8.96 2.01 -14.09
N GLY C 172 -8.19 2.33 -13.06
CA GLY C 172 -8.66 2.27 -11.68
C GLY C 172 -9.18 3.63 -11.25
N SER C 173 -8.62 4.16 -10.17
CA SER C 173 -8.98 5.49 -9.67
C SER C 173 -8.25 5.74 -8.35
N ILE C 174 -8.06 7.01 -7.98
CA ILE C 174 -7.47 7.31 -6.67
C ILE C 174 -8.40 6.89 -5.55
N SER C 175 -9.62 6.47 -5.90
CA SER C 175 -10.53 5.86 -4.94
C SER C 175 -10.05 4.45 -4.64
N ALA C 176 -9.15 3.95 -5.48
CA ALA C 176 -8.46 2.70 -5.19
C ALA C 176 -7.46 2.91 -4.05
N GLN C 177 -7.25 4.16 -3.68
CA GLN C 177 -6.35 4.46 -2.58
C GLN C 177 -7.08 5.04 -1.37
N THR C 178 -7.85 6.10 -1.59
CA THR C 178 -8.50 6.83 -0.49
C THR C 178 -9.85 7.40 -0.92
N PRO C 179 -10.92 7.08 -0.18
CA PRO C 179 -12.27 7.45 -0.58
C PRO C 179 -12.71 8.88 -0.24
N ARG C 180 -13.67 9.36 -1.03
CA ARG C 180 -14.57 10.45 -0.63
C ARG C 180 -15.63 9.84 0.28
N PRO C 181 -16.28 10.67 1.11
CA PRO C 181 -17.39 10.15 1.89
C PRO C 181 -18.52 9.65 0.99
N ASN C 182 -19.39 8.79 1.52
CA ASN C 182 -20.52 8.24 0.76
C ASN C 182 -20.14 7.61 -0.57
N SER C 183 -19.14 6.73 -0.55
CA SER C 183 -18.67 6.10 -1.78
C SER C 183 -18.25 4.65 -1.59
N ALA C 184 -18.78 3.96 -0.59
CA ALA C 184 -18.38 2.58 -0.37
C ALA C 184 -18.39 1.72 -1.64
N PRO C 185 -19.48 1.75 -2.41
CA PRO C 185 -19.55 0.91 -3.60
C PRO C 185 -18.47 1.25 -4.61
N TYR C 186 -18.33 2.54 -4.94
CA TYR C 186 -17.31 3.00 -5.87
C TYR C 186 -15.92 2.63 -5.36
N THR C 187 -15.65 2.99 -4.11
CA THR C 187 -14.35 2.74 -3.53
C THR C 187 -14.03 1.24 -3.52
N ALA C 188 -15.03 0.41 -3.22
CA ALA C 188 -14.84 -1.05 -3.22
C ALA C 188 -14.47 -1.60 -4.59
N THR C 189 -15.21 -1.22 -5.62
CA THR C 189 -14.95 -1.72 -6.97
C THR C 189 -13.58 -1.25 -7.51
N LYS C 190 -13.19 -0.03 -7.20
CA LYS C 190 -11.89 0.47 -7.62
C LYS C 190 -10.73 -0.19 -6.86
N HIS C 191 -10.91 -0.44 -5.57
CA HIS C 191 -9.93 -1.26 -4.86
C HIS C 191 -9.86 -2.63 -5.54
N ALA C 192 -11.01 -3.16 -5.92
CA ALA C 192 -11.09 -4.46 -6.56
C ALA C 192 -10.32 -4.50 -7.88
N ILE C 193 -10.34 -3.39 -8.63
CA ILE C 193 -9.51 -3.29 -9.82
C ILE C 193 -8.02 -3.48 -9.51
N THR C 194 -7.52 -2.86 -8.44
CA THR C 194 -6.12 -3.08 -8.06
C THR C 194 -5.79 -4.57 -7.97
N GLY C 195 -6.65 -5.33 -7.29
CA GLY C 195 -6.46 -6.77 -7.16
C GLY C 195 -6.55 -7.51 -8.50
N LEU C 196 -7.39 -7.00 -9.40
CA LEU C 196 -7.58 -7.62 -10.70
C LEU C 196 -6.31 -7.46 -11.52
N THR C 197 -5.77 -6.25 -11.49
CA THR C 197 -4.51 -5.95 -12.15
C THR C 197 -3.42 -6.89 -11.62
N LYS C 198 -3.34 -6.99 -10.30
CA LYS C 198 -2.34 -7.83 -9.66
C LYS C 198 -2.44 -9.29 -10.13
N SER C 199 -3.64 -9.85 -10.11
CA SER C 199 -3.81 -11.23 -10.55
C SER C 199 -3.58 -11.42 -12.05
N THR C 200 -3.98 -10.44 -12.84
CA THR C 200 -3.80 -10.54 -14.29
C THR C 200 -2.33 -10.50 -14.64
N ALA C 201 -1.60 -9.65 -13.91
CA ALA C 201 -0.17 -9.50 -14.11
C ALA C 201 0.57 -10.76 -13.73
N LEU C 202 0.20 -11.36 -12.61
CA LEU C 202 0.80 -12.61 -12.17
C LEU C 202 0.49 -13.76 -13.13
N ASP C 203 -0.79 -13.98 -13.39
CA ASP C 203 -1.21 -15.06 -14.29
C ASP C 203 -0.71 -14.89 -15.74
N GLY C 204 -0.55 -13.66 -16.19
CA GLY C 204 -0.16 -13.42 -17.57
C GLY C 204 1.34 -13.41 -17.82
N ARG C 205 2.12 -13.38 -16.74
CA ARG C 205 3.55 -13.23 -16.83
C ARG C 205 4.22 -14.23 -17.79
N MSE C 206 3.84 -15.49 -17.73
CA MSE C 206 4.48 -16.51 -18.56
C MSE C 206 3.99 -16.55 -20.01
O MSE C 206 4.56 -17.24 -20.84
CB MSE C 206 4.36 -17.90 -17.93
CG MSE C 206 5.28 -18.13 -16.72
SE MSE C 206 7.20 -17.90 -17.13
CE MSE C 206 7.30 -19.12 -18.65
N HIS C 207 2.94 -15.79 -20.30
CA HIS C 207 2.34 -15.80 -21.63
C HIS C 207 2.59 -14.53 -22.43
N ASP C 208 3.53 -13.72 -21.97
CA ASP C 208 3.81 -12.41 -22.58
C ASP C 208 2.57 -11.54 -22.57
N ILE C 209 1.79 -11.63 -21.51
CA ILE C 209 0.61 -10.77 -21.35
C ILE C 209 0.84 -9.85 -20.18
N ALA C 210 1.02 -8.57 -20.46
CA ALA C 210 1.31 -7.62 -19.39
C ALA C 210 0.06 -6.85 -19.02
N CYS C 211 -0.06 -6.52 -17.74
CA CYS C 211 -1.18 -5.72 -17.25
C CYS C 211 -0.69 -4.65 -16.28
N GLY C 212 -1.36 -3.50 -16.28
CA GLY C 212 -1.00 -2.39 -15.44
C GLY C 212 -2.22 -1.53 -15.17
N GLN C 213 -2.13 -0.69 -14.14
CA GLN C 213 -3.27 0.09 -13.71
C GLN C 213 -2.94 1.57 -13.72
N ILE C 214 -3.86 2.39 -14.20
CA ILE C 214 -3.70 3.82 -14.08
C ILE C 214 -4.75 4.36 -13.12
N ASP C 215 -4.32 4.97 -12.03
CA ASP C 215 -5.22 5.64 -11.11
C ASP C 215 -5.26 7.12 -11.48
N ILE C 216 -6.45 7.60 -11.84
CA ILE C 216 -6.63 8.95 -12.33
C ILE C 216 -7.30 9.82 -11.26
N GLY C 217 -6.77 11.02 -11.06
CA GLY C 217 -7.31 11.94 -10.08
C GLY C 217 -7.83 13.19 -10.75
N ASN C 218 -9.16 13.32 -10.83
CA ASN C 218 -9.81 14.50 -11.40
C ASN C 218 -9.38 14.90 -12.80
N ALA C 219 -9.47 13.97 -13.75
CA ALA C 219 -9.31 14.31 -15.15
C ALA C 219 -10.68 14.67 -15.70
N ALA C 220 -10.74 15.75 -16.47
CA ALA C 220 -12.01 16.20 -17.02
C ALA C 220 -11.82 16.84 -18.38
N THR C 221 -12.81 16.68 -19.24
CA THR C 221 -12.86 17.50 -20.45
C THR C 221 -12.92 18.96 -20.01
N ASP C 222 -12.63 19.86 -20.93
CA ASP C 222 -12.67 21.28 -20.62
C ASP C 222 -14.09 21.73 -20.23
N MSE C 223 -15.09 21.21 -20.92
CA MSE C 223 -16.47 21.61 -20.68
C MSE C 223 -16.91 21.17 -19.30
O MSE C 223 -17.52 21.94 -18.54
CB MSE C 223 -17.41 21.05 -21.74
CG MSE C 223 -17.21 21.68 -23.11
SE MSE C 223 -17.41 23.65 -23.16
CE MSE C 223 -17.37 23.87 -25.11
N THR C 224 -16.58 19.93 -18.97
CA THR C 224 -16.96 19.34 -17.70
C THR C 224 -16.24 20.03 -16.54
N ALA C 225 -14.97 20.37 -16.76
CA ALA C 225 -14.19 21.02 -15.72
C ALA C 225 -14.64 22.45 -15.51
N ARG C 226 -14.99 23.13 -16.60
CA ARG C 226 -15.42 24.51 -16.49
C ARG C 226 -16.77 24.60 -15.80
N MSE C 227 -17.41 23.44 -15.62
CA MSE C 227 -18.64 23.35 -14.83
C MSE C 227 -18.46 23.65 -13.33
O MSE C 227 -19.41 24.10 -12.67
CB MSE C 227 -19.30 21.98 -15.01
CG MSE C 227 -20.14 21.85 -16.26
SE MSE C 227 -21.30 23.46 -16.47
CE MSE C 227 -22.63 23.03 -15.10
N SER C 228 -17.26 23.42 -12.80
CA SER C 228 -17.03 23.58 -11.36
C SER C 228 -18.03 22.77 -10.54
N THR C 229 -18.23 21.53 -10.94
CA THR C 229 -19.08 20.60 -10.23
C THR C 229 -18.50 20.33 -8.84
N GLY C 230 -19.34 20.50 -7.83
CA GLY C 230 -18.92 20.23 -6.46
C GLY C 230 -18.83 18.75 -6.12
N VAL C 231 -17.87 18.41 -5.28
CA VAL C 231 -17.76 17.04 -4.81
C VAL C 231 -17.52 17.00 -3.30
N LEU C 232 -17.88 15.88 -2.69
CA LEU C 232 -17.75 15.70 -1.25
C LEU C 232 -16.30 15.66 -0.76
N GLN C 233 -16.00 16.54 0.19
CA GLN C 233 -14.72 16.55 0.90
C GLN C 233 -14.82 15.65 2.12
N ALA C 234 -13.68 15.36 2.73
CA ALA C 234 -13.62 14.47 3.88
C ALA C 234 -14.53 14.94 5.02
N ASN C 235 -14.66 16.24 5.23
CA ASN C 235 -15.50 16.72 6.29
C ASN C 235 -16.98 16.80 5.91
N GLY C 236 -17.32 16.26 4.74
CA GLY C 236 -18.71 16.22 4.31
C GLY C 236 -19.16 17.46 3.56
N GLU C 237 -18.35 18.51 3.54
CA GLU C 237 -18.67 19.69 2.76
C GLU C 237 -18.60 19.39 1.28
N VAL C 238 -19.28 20.22 0.51
CA VAL C 238 -19.23 20.17 -0.95
C VAL C 238 -18.42 21.34 -1.47
N ALA C 239 -17.46 21.05 -2.35
CA ALA C 239 -16.65 22.08 -2.97
C ALA C 239 -16.11 21.56 -4.30
N ALA C 240 -15.91 22.46 -5.27
CA ALA C 240 -15.28 22.07 -6.54
C ALA C 240 -13.79 21.87 -6.34
N GLU C 241 -13.18 21.03 -7.18
CA GLU C 241 -11.77 20.69 -7.04
C GLU C 241 -10.97 21.02 -8.30
N PRO C 242 -9.64 21.09 -8.19
CA PRO C 242 -8.81 21.31 -9.38
C PRO C 242 -8.90 20.10 -10.31
N THR C 243 -8.76 20.30 -11.61
CA THR C 243 -8.78 19.18 -12.54
C THR C 243 -7.63 19.24 -13.54
N ILE C 244 -7.40 18.14 -14.25
CA ILE C 244 -6.43 18.11 -15.33
C ILE C 244 -7.07 17.65 -16.64
N PRO C 245 -6.49 18.07 -17.77
CA PRO C 245 -7.01 17.72 -19.09
C PRO C 245 -6.94 16.22 -19.34
N ILE C 246 -7.92 15.73 -20.06
CA ILE C 246 -7.95 14.34 -20.42
C ILE C 246 -6.71 13.93 -21.22
N GLU C 247 -6.16 14.86 -22.00
CA GLU C 247 -5.00 14.56 -22.82
C GLU C 247 -3.86 13.96 -22.05
N HIS C 248 -3.59 14.49 -20.87
CA HIS C 248 -2.46 14.03 -20.06
C HIS C 248 -2.61 12.56 -19.69
N ILE C 249 -3.85 12.12 -19.48
CA ILE C 249 -4.14 10.71 -19.26
C ILE C 249 -3.96 9.90 -20.53
N ALA C 250 -4.35 10.47 -21.67
CA ALA C 250 -4.19 9.77 -22.94
C ALA C 250 -2.70 9.63 -23.28
N GLU C 251 -1.91 10.68 -23.02
CA GLU C 251 -0.47 10.63 -23.19
C GLU C 251 0.14 9.50 -22.34
N ALA C 252 -0.29 9.40 -21.08
CA ALA C 252 0.22 8.40 -20.15
C ALA C 252 -0.12 6.98 -20.61
N VAL C 253 -1.32 6.81 -21.13
CA VAL C 253 -1.75 5.50 -21.59
C VAL C 253 -0.97 5.12 -22.86
N VAL C 254 -0.79 6.10 -23.73
CA VAL C 254 0.04 5.91 -24.91
C VAL C 254 1.44 5.45 -24.54
N TYR C 255 2.02 6.07 -23.52
CA TYR C 255 3.36 5.70 -23.08
C TYR C 255 3.37 4.24 -22.60
N MSE C 256 2.46 3.93 -21.67
CA MSE C 256 2.30 2.59 -21.14
C MSE C 256 2.20 1.58 -22.27
O MSE C 256 2.81 0.51 -22.22
CB MSE C 256 1.03 2.50 -20.28
CG MSE C 256 1.06 3.35 -19.02
SE MSE C 256 -0.59 3.33 -17.94
CE MSE C 256 -0.54 1.47 -17.30
N ALA C 257 1.44 1.94 -23.29
CA ALA C 257 1.12 0.99 -24.33
C ALA C 257 2.26 0.84 -25.33
N SER C 258 3.15 1.83 -25.35
CA SER C 258 4.22 1.92 -26.35
C SER C 258 5.41 1.04 -26.01
N LEU C 259 5.53 0.69 -24.73
CA LEU C 259 6.59 -0.20 -24.27
C LEU C 259 6.52 -1.58 -24.92
N PRO C 260 7.66 -2.24 -25.07
CA PRO C 260 7.56 -3.62 -25.56
C PRO C 260 6.93 -4.49 -24.48
N LEU C 261 6.62 -5.74 -24.80
CA LEU C 261 5.96 -6.60 -23.83
C LEU C 261 6.84 -6.93 -22.62
N SER C 262 8.16 -6.89 -22.81
CA SER C 262 9.10 -7.16 -21.75
C SER C 262 9.15 -6.05 -20.69
N ALA C 263 8.53 -4.92 -21.01
CA ALA C 263 8.47 -3.80 -20.07
C ALA C 263 7.02 -3.55 -19.64
N ASN C 264 6.84 -2.95 -18.48
CA ASN C 264 5.50 -2.74 -17.96
C ASN C 264 5.42 -1.64 -16.92
N VAL C 265 4.40 -0.80 -17.06
CA VAL C 265 4.03 0.13 -16.00
C VAL C 265 2.97 -0.58 -15.16
N LEU C 266 3.41 -1.18 -14.07
CA LEU C 266 2.52 -1.97 -13.21
C LEU C 266 1.38 -1.10 -12.68
N THR C 267 1.71 0.16 -12.37
CA THR C 267 0.72 1.10 -11.88
C THR C 267 1.25 2.51 -12.02
N MSE C 268 0.33 3.48 -12.04
CA MSE C 268 0.69 4.88 -12.02
C MSE C 268 -0.51 5.73 -11.63
O MSE C 268 -1.64 5.47 -12.05
CB MSE C 268 1.31 5.34 -13.34
CG MSE C 268 0.38 5.24 -14.53
SE MSE C 268 1.21 5.93 -16.20
CE MSE C 268 1.83 7.67 -15.58
N THR C 269 -0.25 6.73 -10.79
CA THR C 269 -1.27 7.68 -10.38
C THR C 269 -0.99 9.00 -11.09
N VAL C 270 -1.93 9.41 -11.95
CA VAL C 270 -1.82 10.71 -12.62
C VAL C 270 -2.96 11.60 -12.16
N MSE C 271 -2.64 12.79 -11.67
CA MSE C 271 -3.64 13.53 -10.93
C MSE C 271 -3.49 15.04 -10.94
O MSE C 271 -2.43 15.59 -11.28
CB MSE C 271 -3.58 13.08 -9.49
CG MSE C 271 -2.43 13.73 -8.75
SE MSE C 271 -2.24 12.99 -6.98
CE MSE C 271 -3.25 14.32 -5.95
N ALA C 272 -4.57 15.72 -10.56
CA ALA C 272 -4.57 17.16 -10.35
C ALA C 272 -3.75 17.45 -9.12
N THR C 273 -2.63 18.15 -9.31
CA THR C 273 -1.64 18.33 -8.25
C THR C 273 -2.19 18.83 -6.93
N ARG C 274 -3.09 19.81 -6.97
CA ARG C 274 -3.52 20.50 -5.76
C ARG C 274 -4.90 20.07 -5.24
N MSE C 275 -5.38 18.92 -5.71
CA MSE C 275 -6.59 18.34 -5.17
C MSE C 275 -6.24 17.57 -3.90
O MSE C 275 -5.13 17.05 -3.78
CB MSE C 275 -7.23 17.39 -6.17
CG MSE C 275 -6.86 15.93 -5.94
SE MSE C 275 -7.39 14.74 -7.42
CE MSE C 275 -5.67 14.52 -8.15
N PRO C 276 -7.20 17.48 -2.95
CA PRO C 276 -6.92 16.77 -1.69
C PRO C 276 -6.70 15.29 -1.94
N LEU C 277 -5.67 14.74 -1.29
CA LEU C 277 -5.42 13.31 -1.35
C LEU C 277 -4.28 12.91 -0.44
N VAL C 278 -3.12 13.54 -0.64
CA VAL C 278 -1.88 13.08 -0.01
C VAL C 278 -1.78 13.36 1.50
N GLY C 279 -2.67 14.22 2.01
CA GLY C 279 -2.73 14.52 3.44
C GLY C 279 -3.90 13.85 4.13
N ARG C 280 -4.03 14.08 5.45
CA ARG C 280 -5.00 13.34 6.26
C ARG C 280 -6.41 13.89 6.18
N GLY C 281 -7.37 12.99 5.97
CA GLY C 281 -8.76 13.36 5.87
C GLY C 281 -9.63 12.64 6.88
N ARG D 34 13.80 25.67 -19.64
CA ARG D 34 13.54 25.05 -18.35
C ARG D 34 14.86 24.51 -17.78
N ILE D 35 15.08 24.71 -16.49
CA ILE D 35 16.29 24.22 -15.83
C ILE D 35 16.03 22.91 -15.09
N ALA D 36 16.88 21.91 -15.33
CA ALA D 36 16.75 20.60 -14.69
C ALA D 36 18.04 20.21 -13.95
N LEU D 37 17.89 19.55 -12.80
CA LEU D 37 19.03 19.07 -12.02
C LEU D 37 18.84 17.58 -11.67
N VAL D 38 19.73 16.76 -12.20
CA VAL D 38 19.67 15.33 -12.02
C VAL D 38 20.84 14.91 -11.12
N THR D 39 20.54 14.51 -9.89
CA THR D 39 21.63 13.99 -9.06
C THR D 39 22.01 12.60 -9.57
N GLY D 40 23.30 12.29 -9.47
CA GLY D 40 23.84 11.04 -9.97
C GLY D 40 23.53 10.87 -11.44
N GLY D 41 23.90 11.86 -12.25
CA GLY D 41 23.53 11.89 -13.65
C GLY D 41 24.68 11.62 -14.61
N GLY D 42 25.79 11.14 -14.09
CA GLY D 42 26.95 10.87 -14.92
C GLY D 42 26.94 9.46 -15.47
N THR D 43 26.21 8.57 -14.79
CA THR D 43 26.26 7.16 -15.10
C THR D 43 24.86 6.54 -15.02
N GLY D 44 24.64 5.46 -15.78
CA GLY D 44 23.44 4.65 -15.63
C GLY D 44 22.13 5.35 -15.94
N VAL D 45 21.13 5.07 -15.12
CA VAL D 45 19.79 5.63 -15.26
C VAL D 45 19.82 7.17 -15.25
N GLY D 46 20.50 7.74 -14.26
CA GLY D 46 20.65 9.17 -14.16
C GLY D 46 21.11 9.79 -15.47
N ARG D 47 22.14 9.22 -16.07
CA ARG D 47 22.67 9.73 -17.32
C ARG D 47 21.65 9.68 -18.47
N GLY D 48 20.93 8.58 -18.58
CA GLY D 48 19.94 8.43 -19.62
C GLY D 48 18.81 9.42 -19.44
N ILE D 49 18.52 9.75 -18.18
CA ILE D 49 17.53 10.75 -17.87
C ILE D 49 18.03 12.13 -18.28
N ALA D 50 19.23 12.47 -17.82
CA ALA D 50 19.88 13.72 -18.19
C ALA D 50 19.96 13.87 -19.71
N GLN D 51 20.19 12.76 -20.41
CA GLN D 51 20.36 12.79 -21.84
C GLN D 51 19.02 13.11 -22.47
N ALA D 52 17.99 12.38 -22.09
CA ALA D 52 16.65 12.59 -22.63
C ALA D 52 16.12 13.97 -22.29
N LEU D 53 16.40 14.42 -21.07
CA LEU D 53 15.99 15.75 -20.65
C LEU D 53 16.65 16.83 -21.51
N SER D 54 17.94 16.65 -21.77
CA SER D 54 18.68 17.57 -22.61
C SER D 54 18.13 17.62 -24.04
N ALA D 55 17.68 16.48 -24.55
CA ALA D 55 17.19 16.43 -25.91
C ALA D 55 15.88 17.20 -26.04
N GLU D 56 15.17 17.30 -24.92
CA GLU D 56 13.87 17.96 -24.89
C GLU D 56 13.99 19.47 -24.73
N GLY D 57 15.20 19.98 -24.62
CA GLY D 57 15.40 21.41 -24.53
C GLY D 57 15.98 21.90 -23.21
N TYR D 58 15.68 21.19 -22.12
CA TYR D 58 16.15 21.58 -20.80
C TYR D 58 17.64 21.93 -20.80
N SER D 59 18.00 22.90 -19.97
CA SER D 59 19.38 23.01 -19.52
C SER D 59 19.49 22.00 -18.37
N VAL D 60 20.58 21.25 -18.32
CA VAL D 60 20.69 20.17 -17.38
C VAL D 60 21.98 20.22 -16.58
N VAL D 61 21.85 20.23 -15.25
CA VAL D 61 22.99 20.06 -14.37
C VAL D 61 22.98 18.63 -13.89
N ILE D 62 24.15 18.01 -13.85
CA ILE D 62 24.24 16.64 -13.36
C ILE D 62 25.27 16.61 -12.23
N THR D 63 25.11 15.68 -11.30
CA THR D 63 26.05 15.55 -10.19
C THR D 63 26.61 14.14 -10.07
N GLY D 64 27.79 14.04 -9.47
CA GLY D 64 28.43 12.76 -9.25
C GLY D 64 29.68 13.02 -8.44
N ARG D 65 30.44 11.99 -8.13
CA ARG D 65 31.63 12.20 -7.31
C ARG D 65 32.92 12.10 -8.11
N ARG D 66 32.84 11.54 -9.32
CA ARG D 66 34.01 11.32 -10.16
C ARG D 66 34.07 12.31 -11.32
N PRO D 67 34.97 13.30 -11.23
CA PRO D 67 35.03 14.40 -12.20
C PRO D 67 35.21 13.92 -13.64
N ASP D 68 36.05 12.90 -13.85
CA ASP D 68 36.23 12.38 -15.20
C ASP D 68 34.90 11.88 -15.77
N VAL D 69 34.25 10.96 -15.06
CA VAL D 69 32.94 10.45 -15.48
C VAL D 69 31.97 11.58 -15.81
N LEU D 70 31.83 12.50 -14.85
CA LEU D 70 30.91 13.63 -14.99
C LEU D 70 31.28 14.52 -16.18
N ASP D 71 32.53 14.95 -16.21
CA ASP D 71 33.03 15.75 -17.32
C ASP D 71 32.73 15.07 -18.66
N ALA D 72 33.09 13.78 -18.75
CA ALA D 72 32.81 12.99 -19.94
C ALA D 72 31.33 13.09 -20.33
N ALA D 73 30.45 12.68 -19.43
CA ALA D 73 29.02 12.65 -19.73
C ALA D 73 28.48 14.00 -20.15
N ALA D 74 28.89 15.07 -19.48
CA ALA D 74 28.43 16.41 -19.85
C ALA D 74 28.83 16.70 -21.30
N GLY D 75 30.07 16.35 -21.66
CA GLY D 75 30.56 16.60 -23.00
C GLY D 75 29.82 15.82 -24.07
N GLU D 76 29.55 14.55 -23.80
CA GLU D 76 28.84 13.73 -24.76
C GLU D 76 27.39 14.17 -24.96
N ILE D 77 26.71 14.48 -23.86
CA ILE D 77 25.29 14.85 -23.92
C ILE D 77 25.06 16.21 -24.56
N GLY D 78 25.83 17.21 -24.14
CA GLY D 78 25.81 18.50 -24.78
C GLY D 78 26.27 18.32 -26.21
N GLY D 79 27.23 17.41 -26.39
CA GLY D 79 27.69 17.05 -27.71
C GLY D 79 26.50 16.76 -28.60
N ARG D 80 25.77 15.70 -28.29
CA ARG D 80 24.60 15.28 -29.08
C ARG D 80 23.53 16.35 -29.25
N THR D 81 23.16 17.02 -28.16
CA THR D 81 21.95 17.83 -28.15
C THR D 81 22.17 19.29 -28.55
N GLY D 82 23.40 19.78 -28.36
CA GLY D 82 23.69 21.17 -28.63
C GLY D 82 23.21 22.07 -27.51
N ASN D 83 22.59 21.46 -26.49
CA ASN D 83 22.07 22.20 -25.36
C ASN D 83 23.00 22.13 -24.15
N ILE D 84 22.79 23.05 -23.22
CA ILE D 84 23.68 23.21 -22.07
C ILE D 84 23.66 22.05 -21.08
N VAL D 85 24.84 21.58 -20.71
CA VAL D 85 24.99 20.52 -19.70
C VAL D 85 26.13 20.83 -18.73
N ARG D 86 25.81 21.31 -17.53
CA ARG D 86 26.83 21.58 -16.51
C ARG D 86 27.03 20.41 -15.57
N ALA D 87 28.28 20.09 -15.29
CA ALA D 87 28.61 19.01 -14.37
C ALA D 87 29.14 19.58 -13.07
N VAL D 88 28.47 19.27 -11.97
CA VAL D 88 28.99 19.64 -10.67
C VAL D 88 29.31 18.38 -9.85
N VAL D 89 30.57 18.22 -9.49
CA VAL D 89 30.97 17.15 -8.58
C VAL D 89 30.43 17.45 -7.19
N CYS D 90 29.74 16.48 -6.61
CA CYS D 90 28.97 16.72 -5.41
C CYS D 90 28.63 15.46 -4.63
N ASP D 91 28.92 15.48 -3.33
CA ASP D 91 28.46 14.45 -2.40
C ASP D 91 27.17 14.94 -1.73
N VAL D 92 26.04 14.35 -2.12
CA VAL D 92 24.73 14.80 -1.68
C VAL D 92 24.47 14.48 -0.21
N GLY D 93 25.37 13.72 0.41
CA GLY D 93 25.27 13.48 1.84
C GLY D 93 25.88 14.64 2.61
N ASP D 94 26.69 15.43 1.91
CA ASP D 94 27.33 16.60 2.52
C ASP D 94 26.50 17.86 2.28
N PRO D 95 26.04 18.51 3.37
CA PRO D 95 25.14 19.66 3.29
C PRO D 95 25.79 20.92 2.71
N ASP D 96 27.08 21.09 2.94
CA ASP D 96 27.79 22.24 2.38
C ASP D 96 27.95 22.11 0.87
N GLN D 97 28.27 20.90 0.43
CA GLN D 97 28.38 20.59 -0.99
C GLN D 97 27.03 20.72 -1.70
N VAL D 98 25.98 20.22 -1.05
CA VAL D 98 24.65 20.31 -1.63
C VAL D 98 24.26 21.78 -1.70
N ALA D 99 24.54 22.52 -0.63
CA ALA D 99 24.22 23.94 -0.60
C ALA D 99 25.02 24.69 -1.68
N ALA D 100 26.28 24.32 -1.86
CA ALA D 100 27.09 24.93 -2.90
C ALA D 100 26.53 24.63 -4.30
N LEU D 101 26.25 23.36 -4.56
CA LEU D 101 25.61 22.95 -5.82
C LEU D 101 24.41 23.82 -6.19
N PHE D 102 23.53 24.06 -5.21
CA PHE D 102 22.32 24.81 -5.50
C PHE D 102 22.59 26.30 -5.66
N ALA D 103 23.65 26.77 -5.01
CA ALA D 103 24.04 28.16 -5.17
C ALA D 103 24.66 28.38 -6.54
N ALA D 104 25.37 27.38 -7.05
CA ALA D 104 25.90 27.46 -8.41
C ALA D 104 24.77 27.43 -9.44
N VAL D 105 23.84 26.49 -9.29
CA VAL D 105 22.70 26.40 -10.20
C VAL D 105 21.94 27.72 -10.27
N ARG D 106 21.67 28.30 -9.10
CA ARG D 106 21.03 29.59 -9.05
C ARG D 106 21.87 30.69 -9.72
N ALA D 107 23.16 30.70 -9.41
CA ALA D 107 24.03 31.75 -9.94
C ALA D 107 24.13 31.73 -11.46
N GLU D 108 23.96 30.56 -12.08
CA GLU D 108 24.06 30.47 -13.52
C GLU D 108 22.71 30.53 -14.24
N PHE D 109 21.65 30.04 -13.60
CA PHE D 109 20.36 29.92 -14.28
C PHE D 109 19.22 30.67 -13.62
N ALA D 110 19.43 31.07 -12.36
CA ALA D 110 18.47 31.89 -11.65
C ALA D 110 17.28 31.11 -11.12
N ARG D 111 16.90 30.02 -11.78
CA ARG D 111 15.77 29.24 -11.31
C ARG D 111 16.01 27.74 -11.46
N LEU D 112 15.20 26.95 -10.77
CA LEU D 112 15.24 25.51 -10.96
C LEU D 112 13.83 25.02 -11.20
N ASP D 113 13.61 24.39 -12.35
CA ASP D 113 12.26 23.97 -12.73
C ASP D 113 11.99 22.51 -12.46
N LEU D 114 13.05 21.71 -12.40
CA LEU D 114 12.89 20.28 -12.21
C LEU D 114 14.08 19.70 -11.46
N LEU D 115 13.81 18.98 -10.38
CA LEU D 115 14.85 18.22 -9.67
C LEU D 115 14.59 16.74 -9.79
N VAL D 116 15.56 15.98 -10.28
CA VAL D 116 15.45 14.53 -10.28
C VAL D 116 16.41 13.98 -9.23
N ASN D 117 15.86 13.52 -8.10
CA ASN D 117 16.65 12.94 -7.02
C ASN D 117 16.98 11.50 -7.36
N ASN D 118 18.20 11.26 -7.85
CA ASN D 118 18.54 9.96 -8.39
C ASN D 118 19.75 9.29 -7.73
N ALA D 119 20.62 10.09 -7.12
CA ALA D 119 21.78 9.54 -6.43
C ALA D 119 21.34 8.43 -5.50
N GLY D 120 22.17 7.39 -5.41
CA GLY D 120 21.87 6.23 -4.61
C GLY D 120 23.11 5.40 -4.31
N SER D 121 22.89 4.10 -4.12
CA SER D 121 23.93 3.10 -3.95
C SER D 121 23.28 1.88 -3.31
N ASN D 122 23.97 0.73 -3.34
CA ASN D 122 23.48 -0.47 -2.63
C ASN D 122 24.53 -0.98 -1.62
N VAL D 123 24.11 -1.93 -0.80
CA VAL D 123 25.02 -2.64 0.08
C VAL D 123 25.20 -4.00 -0.58
N PRO D 124 26.36 -4.64 -0.34
CA PRO D 124 26.42 -6.01 -0.88
C PRO D 124 25.32 -6.77 -0.21
N PRO D 125 24.69 -7.72 -0.90
CA PRO D 125 23.71 -8.55 -0.19
C PRO D 125 24.43 -9.41 0.84
N VAL D 126 24.68 -8.85 2.02
CA VAL D 126 25.31 -9.56 3.14
C VAL D 126 24.21 -9.82 4.18
N PRO D 127 24.39 -10.81 5.06
CA PRO D 127 23.36 -11.02 6.09
C PRO D 127 23.13 -9.75 6.92
N LEU D 128 21.87 -9.54 7.32
CA LEU D 128 21.45 -8.33 8.02
C LEU D 128 22.38 -7.90 9.16
N GLU D 129 22.83 -8.85 9.96
CA GLU D 129 23.64 -8.53 11.13
C GLU D 129 25.11 -8.35 10.76
N GLU D 130 25.46 -8.59 9.50
CA GLU D 130 26.85 -8.37 9.07
C GLU D 130 27.11 -7.01 8.38
N VAL D 131 26.03 -6.28 8.05
CA VAL D 131 26.15 -4.92 7.53
C VAL D 131 26.95 -4.06 8.50
N THR D 132 28.04 -3.46 8.03
CA THR D 132 28.88 -2.63 8.89
C THR D 132 28.20 -1.30 9.11
N PHE D 133 28.59 -0.63 10.18
CA PHE D 133 28.11 0.71 10.45
C PHE D 133 28.45 1.65 9.29
N GLU D 134 29.60 1.42 8.69
CA GLU D 134 30.09 2.23 7.58
C GLU D 134 29.23 2.04 6.35
N GLN D 135 28.82 0.79 6.11
CA GLN D 135 27.91 0.52 4.99
C GLN D 135 26.58 1.18 5.25
N TRP D 136 26.06 0.99 6.45
CA TRP D 136 24.79 1.58 6.84
C TRP D 136 24.80 3.10 6.62
N ASN D 137 25.76 3.79 7.22
CA ASN D 137 25.83 5.24 7.06
C ASN D 137 25.92 5.65 5.60
N GLY D 138 26.69 4.89 4.83
CA GLY D 138 26.83 5.15 3.42
C GLY D 138 25.50 5.18 2.68
N ILE D 139 24.65 4.19 2.95
CA ILE D 139 23.41 4.07 2.19
C ILE D 139 22.33 5.07 2.65
N VAL D 140 22.33 5.37 3.95
CA VAL D 140 21.37 6.33 4.46
C VAL D 140 21.67 7.70 3.84
N ALA D 141 22.95 8.08 3.86
CA ALA D 141 23.40 9.35 3.28
C ALA D 141 23.09 9.45 1.79
N ALA D 142 23.51 8.44 1.03
CA ALA D 142 23.31 8.43 -0.42
C ALA D 142 21.83 8.30 -0.83
N ASN D 143 21.10 7.38 -0.19
CA ASN D 143 19.75 7.09 -0.65
C ASN D 143 18.63 7.90 -0.02
N LEU D 144 18.90 8.54 1.12
CA LEU D 144 17.83 9.22 1.83
C LEU D 144 18.19 10.65 2.21
N THR D 145 19.23 10.81 3.01
CA THR D 145 19.72 12.13 3.39
C THR D 145 19.90 13.04 2.17
N GLY D 146 20.57 12.52 1.14
CA GLY D 146 20.86 13.28 -0.07
C GLY D 146 19.60 13.79 -0.71
N ALA D 147 18.63 12.90 -0.91
CA ALA D 147 17.38 13.28 -1.54
C ALA D 147 16.68 14.32 -0.68
N PHE D 148 16.90 14.25 0.63
CA PHE D 148 16.26 15.19 1.52
C PHE D 148 16.88 16.58 1.47
N LEU D 149 18.21 16.66 1.42
CA LEU D 149 18.87 17.96 1.37
C LEU D 149 18.59 18.64 0.04
N CYS D 150 18.58 17.87 -1.04
CA CYS D 150 18.25 18.41 -2.35
C CYS D 150 16.82 18.97 -2.40
N THR D 151 15.89 18.29 -1.71
CA THR D 151 14.53 18.80 -1.68
C THR D 151 14.45 20.15 -0.96
N GLN D 152 15.16 20.28 0.15
CA GLN D 152 15.18 21.53 0.91
C GLN D 152 15.60 22.68 0.03
N HIS D 153 16.73 22.51 -0.66
CA HIS D 153 17.23 23.59 -1.49
C HIS D 153 16.29 23.87 -2.66
N ALA D 154 15.75 22.81 -3.27
CA ALA D 154 14.73 22.99 -4.30
C ALA D 154 13.52 23.80 -3.78
N PHE D 155 13.06 23.48 -2.58
CA PHE D 155 11.95 24.22 -1.99
C PHE D 155 12.28 25.70 -1.84
N ARG D 156 13.46 25.99 -1.31
CA ARG D 156 13.89 27.36 -1.14
C ARG D 156 13.95 28.12 -2.48
N MSE D 157 14.46 27.47 -3.53
CA MSE D 157 14.52 28.11 -4.86
C MSE D 157 13.16 28.22 -5.58
O MSE D 157 12.86 29.21 -6.22
CB MSE D 157 15.50 27.41 -5.77
CG MSE D 157 16.95 27.62 -5.42
SE MSE D 157 18.12 26.95 -6.85
CE MSE D 157 17.76 28.32 -8.19
N MSE D 158 12.36 27.15 -5.49
CA MSE D 158 11.08 27.12 -6.18
C MSE D 158 10.07 28.05 -5.51
O MSE D 158 9.16 28.57 -6.15
CB MSE D 158 10.53 25.71 -6.23
CG MSE D 158 11.19 24.88 -7.31
SE MSE D 158 10.92 22.97 -7.09
CE MSE D 158 12.07 22.37 -8.57
N LYS D 159 10.24 28.26 -4.21
CA LYS D 159 9.38 29.17 -3.49
C LYS D 159 9.72 30.63 -3.81
N ALA D 160 11.00 30.93 -3.97
CA ALA D 160 11.49 32.30 -4.15
C ALA D 160 11.35 32.82 -5.57
N GLN D 161 11.51 31.92 -6.55
CA GLN D 161 11.53 32.32 -7.95
C GLN D 161 10.16 32.78 -8.46
N THR D 162 10.17 33.49 -9.58
CA THR D 162 8.95 33.94 -10.23
C THR D 162 9.06 33.69 -11.74
N PRO D 163 8.10 32.94 -12.29
CA PRO D 163 6.96 32.30 -11.61
C PRO D 163 7.42 31.28 -10.57
N ARG D 164 6.71 31.19 -9.46
CA ARG D 164 7.07 30.25 -8.40
C ARG D 164 6.80 28.81 -8.84
N GLY D 165 7.38 27.87 -8.12
CA GLY D 165 7.08 26.46 -8.30
C GLY D 165 8.03 25.70 -9.19
N GLY D 166 7.84 24.39 -9.23
CA GLY D 166 8.68 23.49 -9.98
C GLY D 166 8.36 22.07 -9.62
N ARG D 167 9.06 21.11 -10.21
CA ARG D 167 8.77 19.71 -9.94
C ARG D 167 9.98 18.95 -9.39
N ILE D 168 9.69 18.02 -8.50
CA ILE D 168 10.69 17.14 -7.93
C ILE D 168 10.28 15.70 -8.19
N ILE D 169 11.17 14.95 -8.83
CA ILE D 169 10.89 13.56 -9.09
C ILE D 169 11.89 12.70 -8.35
N ASN D 170 11.40 11.82 -7.50
CA ASN D 170 12.27 10.99 -6.70
C ASN D 170 12.39 9.60 -7.29
N ASN D 171 13.61 9.17 -7.53
CA ASN D 171 13.84 7.82 -7.98
C ASN D 171 13.71 6.92 -6.78
N GLY D 172 12.75 6.01 -6.82
CA GLY D 172 12.54 5.07 -5.76
C GLY D 172 13.14 3.71 -6.10
N SER D 173 12.28 2.70 -6.10
CA SER D 173 12.70 1.34 -6.32
C SER D 173 11.51 0.41 -6.11
N ILE D 174 11.57 -0.75 -6.76
CA ILE D 174 10.74 -1.89 -6.45
C ILE D 174 10.89 -2.28 -4.97
N SER D 175 12.03 -1.94 -4.38
CA SER D 175 12.27 -2.24 -2.96
C SER D 175 11.47 -1.32 -2.05
N ALA D 176 10.78 -0.35 -2.64
CA ALA D 176 9.84 0.50 -1.91
C ALA D 176 8.54 -0.25 -1.72
N GLN D 177 8.44 -1.45 -2.28
CA GLN D 177 7.24 -2.25 -2.12
C GLN D 177 7.53 -3.62 -1.50
N THR D 178 8.50 -4.33 -2.07
CA THR D 178 8.80 -5.71 -1.65
C THR D 178 10.29 -6.00 -1.76
N PRO D 179 10.91 -6.45 -0.66
CA PRO D 179 12.35 -6.65 -0.53
C PRO D 179 12.89 -7.94 -1.15
N ARG D 180 14.17 -7.91 -1.53
CA ARG D 180 14.95 -9.10 -1.77
C ARG D 180 15.45 -9.57 -0.41
N PRO D 181 15.85 -10.83 -0.30
CA PRO D 181 16.51 -11.20 0.97
C PRO D 181 17.81 -10.41 1.13
N ASN D 182 18.24 -10.19 2.37
CA ASN D 182 19.52 -9.52 2.63
C ASN D 182 19.59 -8.06 2.12
N SER D 183 18.52 -7.30 2.29
CA SER D 183 18.49 -5.95 1.74
C SER D 183 17.87 -4.90 2.67
N ALA D 184 17.83 -5.17 3.97
CA ALA D 184 17.23 -4.25 4.93
C ALA D 184 17.62 -2.78 4.71
N PRO D 185 18.91 -2.49 4.56
CA PRO D 185 19.25 -1.06 4.44
C PRO D 185 18.65 -0.43 3.18
N TYR D 186 18.88 -1.05 2.04
CA TYR D 186 18.36 -0.55 0.77
C TYR D 186 16.84 -0.44 0.83
N THR D 187 16.22 -1.47 1.41
CA THR D 187 14.78 -1.56 1.52
C THR D 187 14.20 -0.52 2.45
N ALA D 188 14.88 -0.24 3.56
CA ALA D 188 14.51 0.88 4.44
C ALA D 188 14.60 2.23 3.74
N THR D 189 15.77 2.53 3.18
CA THR D 189 15.99 3.82 2.51
C THR D 189 15.05 4.05 1.33
N LYS D 190 14.69 2.99 0.60
CA LYS D 190 13.75 3.18 -0.49
C LYS D 190 12.32 3.42 -0.01
N HIS D 191 11.90 2.66 1.01
CA HIS D 191 10.62 2.90 1.66
C HIS D 191 10.55 4.34 2.19
N ALA D 192 11.66 4.82 2.75
CA ALA D 192 11.73 6.16 3.29
C ALA D 192 11.48 7.21 2.21
N ILE D 193 11.90 6.91 0.98
CA ILE D 193 11.75 7.84 -0.14
C ILE D 193 10.27 8.07 -0.46
N THR D 194 9.48 7.00 -0.40
CA THR D 194 8.04 7.10 -0.54
C THR D 194 7.47 8.09 0.46
N GLY D 195 7.96 8.01 1.69
CA GLY D 195 7.51 8.90 2.75
C GLY D 195 7.83 10.33 2.37
N LEU D 196 9.08 10.54 1.96
CA LEU D 196 9.56 11.84 1.55
C LEU D 196 8.70 12.39 0.42
N THR D 197 8.36 11.52 -0.53
CA THR D 197 7.59 11.93 -1.69
C THR D 197 6.24 12.48 -1.24
N LYS D 198 5.60 11.78 -0.32
CA LYS D 198 4.28 12.17 0.14
C LYS D 198 4.30 13.54 0.84
N SER D 199 5.18 13.67 1.83
CA SER D 199 5.32 14.89 2.59
C SER D 199 5.67 16.04 1.69
N THR D 200 6.56 15.79 0.74
CA THR D 200 6.95 16.81 -0.24
C THR D 200 5.74 17.18 -1.09
N ALA D 201 4.99 16.18 -1.54
CA ALA D 201 3.78 16.44 -2.32
C ALA D 201 2.80 17.27 -1.51
N LEU D 202 2.75 17.03 -0.21
CA LEU D 202 1.79 17.70 0.65
C LEU D 202 2.21 19.13 1.00
N ASP D 203 3.46 19.29 1.44
CA ASP D 203 3.97 20.61 1.83
C ASP D 203 4.11 21.56 0.64
N GLY D 204 4.36 21.01 -0.54
CA GLY D 204 4.58 21.83 -1.72
C GLY D 204 3.31 22.21 -2.44
N ARG D 205 2.18 21.64 -2.03
CA ARG D 205 0.91 21.81 -2.73
C ARG D 205 0.55 23.27 -2.98
N MSE D 206 0.51 24.06 -1.90
CA MSE D 206 0.17 25.48 -1.99
C MSE D 206 1.27 26.34 -2.61
O MSE D 206 1.14 27.56 -2.65
CB MSE D 206 -0.15 26.03 -0.59
CG MSE D 206 1.08 26.16 0.31
SE MSE D 206 0.76 26.80 2.16
CE MSE D 206 0.77 28.73 1.81
N HIS D 207 2.35 25.73 -3.08
CA HIS D 207 3.45 26.53 -3.60
C HIS D 207 3.73 26.25 -5.07
N ASP D 208 2.82 25.56 -5.72
CA ASP D 208 3.03 25.12 -7.10
C ASP D 208 4.28 24.26 -7.25
N ILE D 209 4.57 23.49 -6.22
CA ILE D 209 5.61 22.47 -6.28
C ILE D 209 4.98 21.06 -6.30
N ALA D 210 5.24 20.32 -7.38
CA ALA D 210 4.78 18.94 -7.52
C ALA D 210 5.90 17.96 -7.18
N CYS D 211 5.54 16.84 -6.56
CA CYS D 211 6.50 15.79 -6.27
C CYS D 211 5.91 14.43 -6.60
N GLY D 212 6.67 13.62 -7.32
CA GLY D 212 6.24 12.31 -7.73
C GLY D 212 7.39 11.33 -7.62
N GLN D 213 7.08 10.05 -7.66
CA GLN D 213 8.08 9.01 -7.49
C GLN D 213 7.96 7.94 -8.55
N ILE D 214 9.11 7.53 -9.10
CA ILE D 214 9.14 6.43 -10.06
C ILE D 214 9.89 5.26 -9.43
N ASP D 215 9.22 4.13 -9.28
CA ASP D 215 9.86 2.92 -8.77
C ASP D 215 10.30 2.07 -9.94
N ILE D 216 11.60 1.78 -9.98
CA ILE D 216 12.17 1.17 -11.15
C ILE D 216 12.51 -0.28 -10.93
N GLY D 217 12.09 -1.12 -11.86
CA GLY D 217 12.34 -2.53 -11.77
C GLY D 217 13.31 -3.01 -12.84
N ASN D 218 14.52 -3.31 -12.41
CA ASN D 218 15.54 -3.93 -13.26
C ASN D 218 15.89 -3.18 -14.56
N ALA D 219 16.18 -1.89 -14.47
CA ALA D 219 16.71 -1.18 -15.63
C ALA D 219 18.21 -1.31 -15.67
N ALA D 220 18.77 -1.63 -16.83
CA ALA D 220 20.21 -1.84 -16.95
C ALA D 220 20.72 -1.45 -18.32
N THR D 221 21.93 -0.89 -18.34
CA THR D 221 22.61 -0.59 -19.59
C THR D 221 23.04 -1.88 -20.30
N ASP D 222 23.59 -2.83 -19.55
CA ASP D 222 24.13 -4.04 -20.14
C ASP D 222 24.19 -5.18 -19.12
N MSE D 223 24.64 -6.34 -19.56
CA MSE D 223 24.62 -7.55 -18.74
C MSE D 223 25.71 -7.53 -17.67
O MSE D 223 25.98 -8.54 -17.01
CB MSE D 223 24.76 -8.80 -19.61
CG MSE D 223 23.67 -8.90 -20.64
SE MSE D 223 23.75 -10.55 -21.67
CE MSE D 223 24.26 -11.73 -20.19
N THR D 224 26.35 -6.38 -17.52
CA THR D 224 27.36 -6.19 -16.49
C THR D 224 26.66 -5.97 -15.16
N ALA D 225 25.36 -5.61 -15.23
CA ALA D 225 24.57 -5.25 -14.06
C ALA D 225 24.21 -6.45 -13.17
N ARG D 226 23.97 -6.18 -11.88
CA ARG D 226 23.72 -7.23 -10.90
C ARG D 226 22.55 -8.16 -11.25
N MSE D 227 21.55 -7.64 -11.97
CA MSE D 227 20.44 -8.50 -12.41
C MSE D 227 20.89 -9.62 -13.35
O MSE D 227 20.41 -10.75 -13.26
CB MSE D 227 19.31 -7.69 -13.06
CG MSE D 227 19.75 -6.33 -13.55
SE MSE D 227 19.30 -4.92 -12.27
CE MSE D 227 21.02 -4.01 -12.18
N SER D 228 21.81 -9.32 -14.26
CA SER D 228 22.33 -10.34 -15.17
C SER D 228 23.40 -11.17 -14.47
N THR D 229 23.99 -10.58 -13.43
CA THR D 229 25.11 -11.18 -12.71
C THR D 229 24.62 -12.12 -11.61
N GLY D 230 23.38 -11.90 -11.18
CA GLY D 230 22.75 -12.75 -10.18
C GLY D 230 22.35 -11.98 -8.95
N VAL D 231 21.06 -12.08 -8.62
CA VAL D 231 20.47 -11.43 -7.45
C VAL D 231 19.62 -12.43 -6.67
N LEU D 232 19.55 -12.24 -5.36
CA LEU D 232 18.82 -13.16 -4.49
C LEU D 232 17.31 -13.25 -4.79
N GLN D 233 16.79 -14.48 -4.79
CA GLN D 233 15.35 -14.73 -4.89
C GLN D 233 14.80 -14.93 -3.49
N ALA D 234 13.46 -14.89 -3.37
CA ALA D 234 12.81 -15.07 -2.07
C ALA D 234 13.29 -16.31 -1.32
N ASN D 235 13.63 -17.37 -2.04
CA ASN D 235 14.11 -18.60 -1.39
C ASN D 235 15.59 -18.53 -1.02
N GLY D 236 16.25 -17.40 -1.26
CA GLY D 236 17.64 -17.23 -0.85
C GLY D 236 18.68 -17.64 -1.87
N GLU D 237 18.23 -18.15 -3.01
CA GLU D 237 19.13 -18.47 -4.11
C GLU D 237 19.46 -17.26 -5.02
N VAL D 238 20.64 -17.33 -5.63
CA VAL D 238 21.07 -16.37 -6.63
C VAL D 238 20.64 -16.83 -8.02
N ALA D 239 20.04 -15.94 -8.80
CA ALA D 239 19.65 -16.23 -10.18
C ALA D 239 19.66 -14.94 -10.98
N ALA D 240 19.73 -15.05 -12.30
CA ALA D 240 19.66 -13.85 -13.16
C ALA D 240 18.19 -13.47 -13.44
N GLU D 241 17.92 -12.18 -13.56
CA GLU D 241 16.55 -11.72 -13.81
C GLU D 241 16.52 -10.91 -15.10
N PRO D 242 15.34 -10.75 -15.70
CA PRO D 242 15.23 -9.96 -16.92
C PRO D 242 15.41 -8.47 -16.62
N THR D 243 15.86 -7.70 -17.61
CA THR D 243 16.02 -6.26 -17.43
C THR D 243 15.38 -5.50 -18.56
N ILE D 244 15.20 -4.20 -18.35
CA ILE D 244 14.71 -3.32 -19.40
C ILE D 244 15.73 -2.25 -19.67
N PRO D 245 15.89 -1.88 -20.95
CA PRO D 245 16.79 -0.82 -21.37
C PRO D 245 16.54 0.43 -20.53
N ILE D 246 17.60 1.14 -20.17
CA ILE D 246 17.47 2.37 -19.39
C ILE D 246 16.58 3.39 -20.10
N GLU D 247 16.55 3.30 -21.43
CA GLU D 247 15.84 4.25 -22.28
C GLU D 247 14.36 4.42 -21.91
N HIS D 248 13.73 3.36 -21.44
CA HIS D 248 12.32 3.41 -21.09
C HIS D 248 12.08 4.25 -19.84
N ILE D 249 12.97 4.14 -18.87
CA ILE D 249 12.84 4.95 -17.67
C ILE D 249 13.00 6.44 -17.98
N ALA D 250 14.02 6.77 -18.77
CA ALA D 250 14.25 8.15 -19.20
C ALA D 250 13.00 8.68 -19.88
N GLU D 251 12.49 7.92 -20.84
CA GLU D 251 11.22 8.21 -21.49
C GLU D 251 10.14 8.53 -20.48
N ALA D 252 9.94 7.65 -19.51
CA ALA D 252 8.90 7.84 -18.49
C ALA D 252 9.10 9.15 -17.75
N VAL D 253 10.32 9.42 -17.33
CA VAL D 253 10.62 10.62 -16.55
C VAL D 253 10.39 11.87 -17.40
N VAL D 254 10.77 11.80 -18.66
CA VAL D 254 10.46 12.89 -19.58
C VAL D 254 8.95 13.16 -19.61
N TYR D 255 8.14 12.10 -19.57
CA TYR D 255 6.70 12.30 -19.57
C TYR D 255 6.21 12.95 -18.26
N MSE D 256 6.72 12.48 -17.14
CA MSE D 256 6.37 13.04 -15.84
C MSE D 256 6.69 14.54 -15.79
O MSE D 256 5.90 15.33 -15.28
CB MSE D 256 7.13 12.32 -14.73
CG MSE D 256 6.74 10.86 -14.55
SE MSE D 256 7.95 9.89 -13.32
CE MSE D 256 7.26 10.49 -11.60
N ALA D 257 7.85 14.91 -16.34
CA ALA D 257 8.33 16.28 -16.29
C ALA D 257 7.67 17.19 -17.33
N SER D 258 7.12 16.58 -18.37
CA SER D 258 6.46 17.32 -19.45
C SER D 258 5.12 17.88 -19.02
N LEU D 259 4.60 17.42 -17.88
CA LEU D 259 3.29 17.86 -17.40
C LEU D 259 3.39 19.27 -16.84
N PRO D 260 2.32 20.08 -17.00
CA PRO D 260 2.27 21.39 -16.36
C PRO D 260 2.14 21.21 -14.84
N LEU D 261 2.60 22.19 -14.07
CA LEU D 261 2.66 22.08 -12.62
C LEU D 261 1.34 21.67 -11.93
N SER D 262 0.22 21.78 -12.63
CA SER D 262 -1.09 21.49 -12.04
C SER D 262 -1.48 20.02 -12.18
N ALA D 263 -0.71 19.29 -12.97
CA ALA D 263 -0.82 17.83 -13.08
C ALA D 263 0.39 17.17 -12.41
N ASN D 264 0.22 15.93 -11.97
CA ASN D 264 1.30 15.23 -11.31
C ASN D 264 1.16 13.71 -11.38
N VAL D 265 2.26 13.05 -11.71
CA VAL D 265 2.34 11.61 -11.57
C VAL D 265 2.88 11.39 -10.18
N LEU D 266 1.99 11.12 -9.24
CA LEU D 266 2.37 10.98 -7.85
C LEU D 266 3.28 9.78 -7.65
N THR D 267 2.96 8.67 -8.31
CA THR D 267 3.81 7.49 -8.29
C THR D 267 3.69 6.70 -9.59
N MSE D 268 4.76 6.04 -9.99
CA MSE D 268 4.69 5.07 -11.08
C MSE D 268 5.74 3.95 -10.96
O MSE D 268 6.87 4.17 -10.54
CB MSE D 268 4.73 5.74 -12.46
CG MSE D 268 6.08 6.27 -12.91
SE MSE D 268 5.97 7.22 -14.63
CE MSE D 268 5.46 5.75 -15.82
N THR D 269 5.32 2.75 -11.31
CA THR D 269 6.20 1.61 -11.31
C THR D 269 6.46 1.20 -12.74
N VAL D 270 7.72 1.26 -13.16
CA VAL D 270 8.10 0.77 -14.47
C VAL D 270 9.13 -0.33 -14.28
N MSE D 271 8.92 -1.46 -14.95
CA MSE D 271 9.71 -2.65 -14.63
C MSE D 271 9.82 -3.64 -15.78
O MSE D 271 9.00 -3.66 -16.70
CB MSE D 271 9.06 -3.35 -13.44
CG MSE D 271 7.63 -3.78 -13.70
SE MSE D 271 6.77 -4.60 -12.17
CE MSE D 271 7.56 -6.39 -12.26
N ALA D 272 10.87 -4.45 -15.72
CA ALA D 272 10.96 -5.67 -16.50
C ALA D 272 9.75 -6.55 -16.18
N THR D 273 8.90 -6.78 -17.16
CA THR D 273 7.66 -7.51 -16.90
C THR D 273 7.83 -8.88 -16.21
N ARG D 274 8.84 -9.64 -16.61
CA ARG D 274 8.99 -11.02 -16.18
C ARG D 274 9.83 -11.20 -14.92
N MSE D 275 10.19 -10.11 -14.24
CA MSE D 275 10.91 -10.22 -12.97
C MSE D 275 9.93 -10.50 -11.85
O MSE D 275 8.79 -10.03 -11.88
CB MSE D 275 11.65 -8.93 -12.66
CG MSE D 275 10.92 -8.00 -11.71
SE MSE D 275 11.80 -6.26 -11.57
CE MSE D 275 11.26 -5.62 -13.26
N PRO D 276 10.36 -11.28 -10.84
CA PRO D 276 9.45 -11.61 -9.74
C PRO D 276 9.09 -10.37 -8.95
N LEU D 277 7.83 -10.25 -8.57
CA LEU D 277 7.37 -9.15 -7.74
C LEU D 277 5.92 -9.32 -7.32
N VAL D 278 5.06 -9.66 -8.28
CA VAL D 278 3.61 -9.64 -8.07
C VAL D 278 3.07 -10.88 -7.38
N GLY D 279 3.89 -11.93 -7.30
CA GLY D 279 3.49 -13.16 -6.63
C GLY D 279 4.03 -13.15 -5.22
N ARG D 280 3.64 -14.15 -4.44
CA ARG D 280 4.12 -14.30 -3.06
C ARG D 280 5.51 -14.91 -3.03
N GLY D 281 6.34 -14.44 -2.12
CA GLY D 281 7.67 -14.98 -1.97
C GLY D 281 8.03 -15.12 -0.51
S SO4 E . 1.45 11.54 14.01
O1 SO4 E . 1.85 10.94 12.75
O2 SO4 E . 1.99 10.74 15.12
O3 SO4 E . 2.00 12.89 14.07
O4 SO4 E . -0.01 11.58 14.09
S SO4 F . -4.92 -17.30 0.57
O1 SO4 F . -3.57 -17.55 1.05
O2 SO4 F . -5.89 -17.68 1.60
O3 SO4 F . -5.08 -15.89 0.24
O4 SO4 F . -5.13 -18.11 -0.63
S SO4 G . -12.85 10.40 -7.44
O1 SO4 G . -12.18 9.17 -7.02
O2 SO4 G . -14.21 10.46 -6.88
O3 SO4 G . -12.06 11.54 -6.97
O4 SO4 G . -12.94 10.40 -8.90
S SO4 H . 16.06 -4.27 -6.66
O1 SO4 H . 17.22 -4.99 -6.14
O2 SO4 H . 15.18 -5.18 -7.40
O3 SO4 H . 15.33 -3.71 -5.52
O4 SO4 H . 16.49 -3.17 -7.54
#